data_4OSS
#
_entry.id   4OSS
#
_cell.length_a   81.083
_cell.length_b   87.072
_cell.length_c   87.950
_cell.angle_alpha   90.00
_cell.angle_beta   103.00
_cell.angle_gamma   90.00
#
_symmetry.space_group_name_H-M   'P 1 21 1'
#
loop_
_entity.id
_entity.type
_entity.pdbx_description
1 polymer Hax3
2 polymer "DNA (5'-D(*TP*GP*TP*CP*CP*CP*TP*TP*TP*GP*TP*CP*TP*CP*TP*CP*T)-3')"
3 polymer "DNA (5'-D(*AP*GP*AP*GP*AP*GP*AP*CP*AP*AP*AP*GP*GP*GP*AP*CP*A)-3')"
4 water water
#
loop_
_entity_poly.entity_id
_entity_poly.type
_entity_poly.pdbx_seq_one_letter_code
_entity_poly.pdbx_strand_id
1 'polypeptide(L)'
;MQWSGARALEALLTVAGELRGPPLQLDTGQLLKIAKRGGVTAVEAVHAWRNALTGAPLNLTPEQVVAIASHDGGKQALET
VQRLLPVLCQAHGLTPQQVVAIASHDGGKQALETVQRLLPVLCQAHGLTPEQVVAIASHDGGKQALETVQALLPVLCQAH
GLTPEQVVAIASNGGGKQALETVQRLLPVLCQAHGLTPQQVVAIASNGGGKQALETVQRLLPVLCQAHGLTPQQVVAIAS
NGGGKQALETVQRLLPVLCQAHGLTPQQVVAIASNQGGKQALETVQRLLPVLCQAHGLTPQQVVAIASNGGGKQALETVQ
RLLPVLCQAHGLTPQQVVAIASHDGGKQALETVQRLLPVLCQAHGLTPEQVVAIASNGGGKQALETVQRLLPVLCQAHGL
TPEQVVAIASHDGGKQALETVQRLLPVLCQAHGLTPQQVVAIASNGGGRPALESIVAQLSRPDPALAALTNDHLVALACL
GGRPALDAVKKLEHHHHHH
;
A,B
2 'polydeoxyribonucleotide' (DT)(DG)(DT)(DC)(DC)(DC)(DT)(DT)(DT)(DG)(DT)(DC)(DT)(DC)(DT)(DC)(DT) G,I
3 'polydeoxyribonucleotide' (DA)(DG)(DA)(DG)(DA)(DG)(DA)(DC)(DA)(DA)(DA)(DG)(DG)(DG)(DA)(DC)(DA) H,J
#
loop_
_chem_comp.id
_chem_comp.type
_chem_comp.name
_chem_comp.formula
DA DNA linking 2'-DEOXYADENOSINE-5'-MONOPHOSPHATE 'C10 H14 N5 O6 P'
DC DNA linking 2'-DEOXYCYTIDINE-5'-MONOPHOSPHATE 'C9 H14 N3 O7 P'
DG DNA linking 2'-DEOXYGUANOSINE-5'-MONOPHOSPHATE 'C10 H14 N5 O7 P'
DT DNA linking THYMIDINE-5'-MONOPHOSPHATE 'C10 H15 N2 O8 P'
#
# COMPACT_ATOMS: atom_id res chain seq x y z
N GLN A 2 -29.96 -51.68 -28.15
CA GLN A 2 -30.51 -50.37 -27.78
C GLN A 2 -29.42 -49.46 -27.23
N TRP A 3 -29.71 -48.16 -27.19
CA TRP A 3 -28.78 -47.16 -26.70
C TRP A 3 -28.47 -47.38 -25.22
N SER A 4 -27.18 -47.45 -24.89
CA SER A 4 -26.75 -47.83 -23.54
C SER A 4 -27.03 -46.78 -22.47
N GLY A 5 -27.19 -45.52 -22.88
CA GLY A 5 -27.43 -44.45 -21.92
C GLY A 5 -28.87 -44.38 -21.45
N ALA A 6 -29.67 -45.37 -21.83
CA ALA A 6 -31.11 -45.36 -21.59
C ALA A 6 -31.45 -45.65 -20.12
N ARG A 7 -30.93 -46.77 -19.62
CA ARG A 7 -31.07 -47.11 -18.21
C ARG A 7 -30.64 -45.93 -17.31
N ALA A 8 -29.46 -45.36 -17.59
CA ALA A 8 -28.96 -44.23 -16.80
C ALA A 8 -29.83 -42.98 -16.88
N LEU A 9 -30.38 -42.70 -18.06
CA LEU A 9 -31.19 -41.51 -18.22
C LEU A 9 -32.48 -41.68 -17.46
N GLU A 10 -32.95 -42.91 -17.42
CA GLU A 10 -34.19 -43.26 -16.74
C GLU A 10 -34.02 -43.11 -15.23
N ALA A 11 -32.92 -43.68 -14.73
CA ALA A 11 -32.53 -43.51 -13.34
C ALA A 11 -32.43 -42.03 -12.98
N LEU A 12 -31.83 -41.26 -13.87
CA LEU A 12 -31.75 -39.80 -13.69
C LEU A 12 -33.13 -39.18 -13.47
N LEU A 13 -34.08 -39.55 -14.32
CA LEU A 13 -35.41 -38.96 -14.27
C LEU A 13 -36.24 -39.46 -13.09
N THR A 14 -36.11 -40.74 -12.76
CA THR A 14 -36.79 -41.29 -11.58
C THR A 14 -36.40 -40.52 -10.32
N VAL A 15 -35.10 -40.43 -10.08
CA VAL A 15 -34.55 -39.73 -8.93
C VAL A 15 -34.77 -38.22 -9.01
N ALA A 16 -34.62 -37.65 -10.20
CA ALA A 16 -34.86 -36.21 -10.38
C ALA A 16 -36.28 -35.81 -9.99
N GLY A 17 -37.25 -36.65 -10.32
CA GLY A 17 -38.63 -36.37 -9.97
C GLY A 17 -38.83 -36.16 -8.49
N GLU A 18 -38.18 -36.99 -7.68
CA GLU A 18 -38.33 -36.92 -6.23
C GLU A 18 -37.77 -35.63 -5.62
N LEU A 19 -36.70 -35.11 -6.21
CA LEU A 19 -35.99 -33.95 -5.65
C LEU A 19 -36.80 -32.67 -5.75
N ARG A 20 -37.90 -32.71 -6.50
CA ARG A 20 -38.79 -31.57 -6.61
C ARG A 20 -39.60 -31.47 -5.32
N GLY A 21 -39.64 -32.58 -4.59
CA GLY A 21 -40.28 -32.61 -3.29
C GLY A 21 -39.30 -32.26 -2.18
N PRO A 22 -39.82 -32.07 -0.95
CA PRO A 22 -39.02 -31.77 0.25
C PRO A 22 -37.87 -32.75 0.42
N PRO A 23 -36.78 -32.30 1.08
CA PRO A 23 -36.68 -30.94 1.63
C PRO A 23 -35.96 -29.93 0.73
N LEU A 24 -35.82 -30.24 -0.57
CA LEU A 24 -35.01 -29.41 -1.47
C LEU A 24 -35.81 -28.66 -2.54
N GLN A 25 -36.69 -29.39 -3.23
CA GLN A 25 -37.61 -28.79 -4.18
C GLN A 25 -36.93 -28.03 -5.33
N LEU A 26 -36.17 -28.77 -6.13
CA LEU A 26 -35.41 -28.17 -7.23
C LEU A 26 -36.25 -28.04 -8.49
N ASP A 27 -36.04 -26.96 -9.23
CA ASP A 27 -36.74 -26.74 -10.49
C ASP A 27 -36.02 -27.45 -11.62
N THR A 28 -36.61 -27.43 -12.81
CA THR A 28 -36.03 -28.11 -13.97
C THR A 28 -34.63 -27.60 -14.27
N GLY A 29 -34.46 -26.27 -14.18
CA GLY A 29 -33.18 -25.66 -14.46
C GLY A 29 -32.07 -26.16 -13.55
N GLN A 30 -32.36 -26.24 -12.26
CA GLN A 30 -31.38 -26.68 -11.28
C GLN A 30 -31.06 -28.17 -11.45
N LEU A 31 -32.04 -28.94 -11.90
CA LEU A 31 -31.87 -30.38 -12.07
C LEU A 31 -31.04 -30.68 -13.31
N LEU A 32 -31.27 -29.89 -14.35
CA LEU A 32 -30.56 -30.04 -15.59
C LEU A 32 -29.10 -29.79 -15.32
N LYS A 33 -28.84 -28.66 -14.68
CA LYS A 33 -27.51 -28.22 -14.27
C LYS A 33 -26.69 -29.31 -13.56
N ILE A 34 -27.26 -29.91 -12.52
CA ILE A 34 -26.59 -30.99 -11.80
C ILE A 34 -26.32 -32.19 -12.71
N ALA A 35 -27.29 -32.50 -13.56
CA ALA A 35 -27.16 -33.65 -14.43
C ALA A 35 -26.06 -33.43 -15.45
N LYS A 36 -26.02 -32.24 -16.04
CA LYS A 36 -25.04 -31.87 -17.06
C LYS A 36 -23.60 -31.91 -16.56
N ARG A 37 -23.36 -31.41 -15.36
CA ARG A 37 -21.98 -31.36 -14.85
C ARG A 37 -21.64 -32.40 -13.79
N GLY A 38 -22.41 -32.46 -12.72
CA GLY A 38 -22.21 -33.50 -11.73
C GLY A 38 -22.60 -34.90 -12.21
N GLY A 39 -23.52 -34.96 -13.16
CA GLY A 39 -23.86 -36.21 -13.79
C GLY A 39 -24.95 -36.96 -13.03
N VAL A 40 -25.06 -38.25 -13.32
N VAL A 40 -25.05 -38.26 -13.31
CA VAL A 40 -26.09 -39.07 -12.73
CA VAL A 40 -26.06 -39.08 -12.68
C VAL A 40 -25.84 -39.33 -11.25
C VAL A 40 -25.76 -39.36 -11.22
N THR A 41 -24.59 -39.69 -10.94
N THR A 41 -24.51 -39.71 -10.92
CA THR A 41 -24.25 -40.07 -9.57
CA THR A 41 -24.15 -40.06 -9.55
C THR A 41 -24.28 -38.87 -8.62
C THR A 41 -24.27 -38.87 -8.61
N ALA A 42 -24.11 -37.68 -9.16
CA ALA A 42 -24.33 -36.46 -8.39
C ALA A 42 -25.80 -36.28 -8.05
N VAL A 43 -26.69 -36.49 -9.01
CA VAL A 43 -28.13 -36.39 -8.77
C VAL A 43 -28.59 -37.42 -7.73
N GLU A 44 -28.09 -38.64 -7.85
CA GLU A 44 -28.37 -39.69 -6.86
C GLU A 44 -27.78 -39.35 -5.48
N ALA A 45 -26.61 -38.72 -5.46
CA ALA A 45 -26.00 -38.32 -4.20
C ALA A 45 -26.83 -37.26 -3.51
N VAL A 46 -27.23 -36.23 -4.24
CA VAL A 46 -28.06 -35.16 -3.67
C VAL A 46 -29.29 -35.75 -3.01
N HIS A 47 -29.93 -36.68 -3.71
CA HIS A 47 -31.09 -37.36 -3.17
C HIS A 47 -30.72 -38.13 -1.90
N ALA A 48 -29.66 -38.92 -1.98
CA ALA A 48 -29.26 -39.77 -0.87
C ALA A 48 -28.98 -38.98 0.41
N TRP A 49 -28.48 -37.77 0.25
N TRP A 49 -28.42 -37.79 0.23
CA TRP A 49 -28.10 -36.96 1.38
CA TRP A 49 -27.99 -36.92 1.33
C TRP A 49 -28.92 -35.67 1.43
C TRP A 49 -28.93 -35.73 1.54
N ARG A 50 -30.16 -35.78 0.96
N ARG A 50 -30.11 -35.77 0.95
CA ARG A 50 -31.10 -34.64 0.93
CA ARG A 50 -31.03 -34.62 0.95
C ARG A 50 -31.37 -34.07 2.33
C ARG A 50 -31.36 -34.06 2.34
N ASN A 51 -31.49 -34.95 3.33
CA ASN A 51 -31.90 -34.53 4.66
C ASN A 51 -30.72 -34.09 5.49
N ALA A 52 -29.64 -34.86 5.40
CA ALA A 52 -28.43 -34.59 6.16
C ALA A 52 -27.78 -33.22 5.84
N LEU A 53 -28.19 -32.58 4.75
CA LEU A 53 -27.57 -31.33 4.35
C LEU A 53 -28.45 -30.13 4.65
N THR A 54 -29.73 -30.33 4.47
CA THR A 54 -30.73 -29.25 4.48
C THR A 54 -30.77 -28.43 5.76
N GLY A 55 -30.83 -29.12 6.90
CA GLY A 55 -30.88 -28.47 8.19
C GLY A 55 -29.88 -29.04 9.17
N ALA A 56 -30.29 -29.16 10.43
CA ALA A 56 -29.41 -29.70 11.47
C ALA A 56 -28.53 -30.83 10.93
N PRO A 57 -27.22 -30.70 11.15
CA PRO A 57 -26.67 -29.56 11.88
C PRO A 57 -25.92 -28.62 10.95
N LEU A 58 -25.94 -28.90 9.66
CA LEU A 58 -25.25 -28.07 8.68
C LEU A 58 -26.09 -26.85 8.30
N ASN A 59 -27.30 -27.09 7.84
CA ASN A 59 -28.21 -26.01 7.45
C ASN A 59 -27.83 -25.34 6.14
N LEU A 60 -27.67 -26.14 5.08
CA LEU A 60 -27.34 -25.62 3.77
C LEU A 60 -28.60 -25.34 2.97
N THR A 61 -28.66 -24.18 2.32
CA THR A 61 -29.76 -23.89 1.40
C THR A 61 -29.71 -24.85 0.20
N PRO A 62 -30.83 -25.05 -0.49
CA PRO A 62 -30.84 -25.84 -1.73
C PRO A 62 -29.92 -25.24 -2.80
N GLU A 63 -29.88 -23.92 -2.91
CA GLU A 63 -29.00 -23.24 -3.84
C GLU A 63 -27.55 -23.63 -3.58
N GLN A 64 -27.24 -23.83 -2.31
CA GLN A 64 -25.88 -24.21 -1.93
C GLN A 64 -25.64 -25.69 -2.21
N VAL A 65 -26.63 -26.54 -1.96
CA VAL A 65 -26.50 -27.94 -2.28
C VAL A 65 -26.31 -28.13 -3.80
N VAL A 66 -27.04 -27.35 -4.59
CA VAL A 66 -26.89 -27.40 -6.05
C VAL A 66 -25.51 -26.94 -6.48
N ALA A 67 -24.99 -25.91 -5.81
CA ALA A 67 -23.65 -25.40 -6.14
C ALA A 67 -22.55 -26.45 -5.92
N ILE A 68 -22.68 -27.22 -4.85
CA ILE A 68 -21.68 -28.24 -4.56
C ILE A 68 -21.83 -29.41 -5.52
N ALA A 69 -23.09 -29.75 -5.83
CA ALA A 69 -23.38 -30.93 -6.64
C ALA A 69 -23.06 -30.79 -8.13
N SER A 70 -23.17 -29.58 -8.68
CA SER A 70 -23.04 -29.36 -10.13
C SER A 70 -21.60 -29.20 -10.67
N HIS A 71 -20.73 -30.14 -10.33
CA HIS A 71 -19.37 -30.17 -10.87
C HIS A 71 -18.94 -31.63 -10.96
N ASP A 72 -17.90 -31.89 -11.74
CA ASP A 72 -17.27 -33.21 -11.75
C ASP A 72 -16.90 -33.62 -10.32
N GLY A 73 -17.28 -34.83 -9.93
CA GLY A 73 -16.97 -35.32 -8.61
C GLY A 73 -17.98 -34.86 -7.56
N GLY A 74 -19.01 -34.13 -7.99
CA GLY A 74 -20.01 -33.55 -7.10
C GLY A 74 -20.45 -34.46 -5.97
N LYS A 75 -20.66 -35.73 -6.28
CA LYS A 75 -20.95 -36.75 -5.28
C LYS A 75 -19.89 -36.74 -4.18
N GLN A 76 -18.62 -36.69 -4.58
CA GLN A 76 -17.52 -36.71 -3.62
C GLN A 76 -17.45 -35.41 -2.80
N ALA A 77 -17.73 -34.29 -3.44
CA ALA A 77 -17.73 -33.01 -2.74
C ALA A 77 -18.82 -33.01 -1.66
N LEU A 78 -20.01 -33.48 -2.02
CA LEU A 78 -21.13 -33.63 -1.09
C LEU A 78 -20.78 -34.47 0.16
N GLU A 79 -20.13 -35.59 -0.03
CA GLU A 79 -19.74 -36.46 1.08
C GLU A 79 -18.70 -35.73 1.94
N THR A 80 -17.78 -35.05 1.28
CA THR A 80 -16.71 -34.38 1.96
C THR A 80 -17.20 -33.14 2.72
N VAL A 81 -18.13 -32.39 2.14
CA VAL A 81 -18.66 -31.21 2.82
C VAL A 81 -19.32 -31.57 4.15
N GLN A 82 -20.15 -32.61 4.14
CA GLN A 82 -20.85 -32.98 5.36
C GLN A 82 -19.87 -33.53 6.41
N ARG A 83 -18.71 -33.95 5.96
CA ARG A 83 -17.68 -34.42 6.86
C ARG A 83 -16.75 -33.27 7.34
N LEU A 84 -16.34 -32.40 6.42
CA LEU A 84 -15.33 -31.41 6.73
C LEU A 84 -15.83 -30.01 7.05
N LEU A 85 -17.09 -29.70 6.77
CA LEU A 85 -17.56 -28.35 7.09
C LEU A 85 -17.51 -28.01 8.59
N PRO A 86 -17.90 -28.96 9.46
CA PRO A 86 -17.71 -28.66 10.89
C PRO A 86 -16.24 -28.52 11.26
N VAL A 87 -15.42 -29.46 10.80
CA VAL A 87 -13.98 -29.42 11.04
C VAL A 87 -13.37 -28.08 10.65
N LEU A 88 -13.76 -27.54 9.50
CA LEU A 88 -13.21 -26.29 8.99
C LEU A 88 -13.79 -25.04 9.61
N CYS A 89 -14.98 -25.15 10.19
CA CYS A 89 -15.57 -23.98 10.83
C CYS A 89 -15.16 -23.87 12.30
N GLN A 90 -14.79 -25.00 12.89
CA GLN A 90 -14.39 -25.04 14.30
C GLN A 90 -12.88 -24.98 14.43
N ALA A 91 -12.20 -25.84 13.68
CA ALA A 91 -10.75 -25.98 13.81
C ALA A 91 -9.92 -24.97 13.03
N HIS A 92 -10.54 -24.21 12.13
CA HIS A 92 -9.78 -23.16 11.41
C HIS A 92 -10.52 -21.83 11.36
N GLY A 93 -11.76 -21.83 11.80
CA GLY A 93 -12.52 -20.59 11.90
C GLY A 93 -13.06 -20.06 10.59
N LEU A 94 -13.25 -20.93 9.61
CA LEU A 94 -13.90 -20.51 8.35
C LEU A 94 -15.41 -20.50 8.53
N THR A 95 -16.08 -19.69 7.72
CA THR A 95 -17.54 -19.66 7.70
C THR A 95 -18.08 -20.77 6.78
N PRO A 96 -19.35 -21.17 6.98
CA PRO A 96 -19.93 -22.16 6.06
C PRO A 96 -19.88 -21.67 4.60
N GLN A 97 -20.11 -20.38 4.37
CA GLN A 97 -20.05 -19.83 3.01
C GLN A 97 -18.70 -20.07 2.34
N GLN A 98 -17.62 -19.91 3.12
CA GLN A 98 -16.28 -20.17 2.61
C GLN A 98 -16.07 -21.65 2.30
N VAL A 99 -16.57 -22.53 3.16
CA VAL A 99 -16.49 -23.95 2.92
C VAL A 99 -17.24 -24.32 1.61
N VAL A 100 -18.46 -23.80 1.46
CA VAL A 100 -19.23 -24.05 0.25
C VAL A 100 -18.49 -23.56 -1.00
N ALA A 101 -17.88 -22.37 -0.91
CA ALA A 101 -17.17 -21.79 -2.05
C ALA A 101 -16.00 -22.67 -2.46
N ILE A 102 -15.31 -23.26 -1.49
CA ILE A 102 -14.21 -24.18 -1.77
C ILE A 102 -14.75 -25.48 -2.42
N ALA A 103 -15.91 -25.93 -1.96
CA ALA A 103 -16.48 -27.19 -2.40
C ALA A 103 -17.03 -27.13 -3.83
N SER A 104 -17.34 -25.92 -4.28
CA SER A 104 -18.10 -25.71 -5.51
C SER A 104 -17.26 -25.63 -6.80
N HIS A 105 -16.40 -26.62 -7.00
CA HIS A 105 -15.56 -26.65 -8.18
C HIS A 105 -15.28 -28.13 -8.42
N ASP A 106 -14.95 -28.52 -9.66
CA ASP A 106 -14.49 -29.89 -9.93
C ASP A 106 -13.40 -30.29 -8.93
N GLY A 107 -13.46 -31.53 -8.43
CA GLY A 107 -12.46 -32.01 -7.48
C GLY A 107 -12.56 -31.31 -6.14
N GLY A 108 -13.72 -30.73 -5.84
CA GLY A 108 -13.96 -30.05 -4.58
C GLY A 108 -13.51 -30.81 -3.34
N LYS A 109 -13.57 -32.14 -3.40
CA LYS A 109 -13.18 -32.99 -2.28
C LYS A 109 -11.70 -32.84 -2.05
N GLN A 110 -10.93 -32.84 -3.14
CA GLN A 110 -9.49 -32.61 -3.06
C GLN A 110 -9.18 -31.25 -2.43
N ALA A 111 -9.86 -30.19 -2.89
CA ALA A 111 -9.61 -28.87 -2.34
C ALA A 111 -9.90 -28.79 -0.84
N LEU A 112 -11.07 -29.25 -0.41
CA LEU A 112 -11.45 -29.24 1.00
C LEU A 112 -10.44 -29.99 1.90
N GLU A 113 -10.01 -31.17 1.44
CA GLU A 113 -9.13 -32.00 2.24
C GLU A 113 -7.76 -31.39 2.29
N THR A 114 -7.40 -30.70 1.22
CA THR A 114 -6.10 -30.09 1.15
C THR A 114 -6.09 -28.83 2.00
N VAL A 115 -7.20 -28.11 2.02
CA VAL A 115 -7.31 -26.94 2.88
C VAL A 115 -7.26 -27.37 4.33
N GLN A 116 -7.93 -28.48 4.64
CA GLN A 116 -7.95 -29.00 5.99
C GLN A 116 -6.53 -29.40 6.37
N ARG A 117 -5.77 -29.89 5.40
CA ARG A 117 -4.42 -30.34 5.67
C ARG A 117 -3.42 -29.19 5.67
N LEU A 118 -3.50 -28.29 4.69
CA LEU A 118 -2.43 -27.32 4.52
C LEU A 118 -2.68 -25.94 5.10
N LEU A 119 -3.90 -25.65 5.56
CA LEU A 119 -4.13 -24.29 6.07
C LEU A 119 -3.21 -23.87 7.24
N PRO A 120 -3.02 -24.73 8.25
CA PRO A 120 -2.14 -24.30 9.34
C PRO A 120 -0.72 -24.01 8.84
N VAL A 121 -0.12 -24.92 8.07
CA VAL A 121 1.23 -24.68 7.60
C VAL A 121 1.29 -23.45 6.69
N LEU A 122 0.19 -23.14 5.99
CA LEU A 122 0.20 -22.00 5.08
C LEU A 122 0.09 -20.66 5.81
N CYS A 123 -0.57 -20.65 6.96
CA CYS A 123 -0.70 -19.41 7.72
C CYS A 123 0.46 -19.18 8.69
N GLN A 124 0.92 -20.25 9.36
CA GLN A 124 2.02 -20.16 10.33
C GLN A 124 3.37 -20.01 9.65
N ALA A 125 3.80 -21.07 8.97
CA ALA A 125 5.11 -21.10 8.32
C ALA A 125 5.26 -20.20 7.08
N HIS A 126 4.15 -19.78 6.47
CA HIS A 126 4.23 -18.98 5.24
C HIS A 126 3.49 -17.66 5.34
N GLY A 127 2.89 -17.41 6.49
CA GLY A 127 2.26 -16.13 6.76
C GLY A 127 1.10 -15.71 5.87
N LEU A 128 0.38 -16.67 5.29
CA LEU A 128 -0.83 -16.33 4.54
C LEU A 128 -1.99 -16.21 5.51
N THR A 129 -3.02 -15.46 5.13
CA THR A 129 -4.23 -15.39 5.93
C THR A 129 -5.20 -16.48 5.49
N PRO A 130 -6.16 -16.86 6.35
CA PRO A 130 -7.16 -17.84 5.93
C PRO A 130 -7.89 -17.40 4.67
N GLU A 131 -8.26 -16.12 4.57
CA GLU A 131 -8.95 -15.61 3.38
C GLU A 131 -8.17 -15.94 2.12
N GLN A 132 -6.84 -15.81 2.21
CA GLN A 132 -5.98 -16.07 1.08
C GLN A 132 -5.94 -17.56 0.78
N VAL A 133 -5.94 -18.38 1.83
CA VAL A 133 -5.96 -19.82 1.64
C VAL A 133 -7.26 -20.25 0.97
N VAL A 134 -8.36 -19.62 1.36
CA VAL A 134 -9.66 -19.94 0.78
C VAL A 134 -9.68 -19.55 -0.70
N ALA A 135 -9.17 -18.35 -1.01
CA ALA A 135 -9.17 -17.87 -2.39
C ALA A 135 -8.39 -18.83 -3.30
N ILE A 136 -7.15 -19.16 -2.92
CA ILE A 136 -6.35 -20.16 -3.63
C ILE A 136 -7.12 -21.47 -3.85
N ALA A 137 -7.84 -21.89 -2.82
CA ALA A 137 -8.49 -23.18 -2.86
C ALA A 137 -9.80 -23.14 -3.66
N SER A 138 -10.37 -21.96 -3.86
CA SER A 138 -11.70 -21.90 -4.49
C SER A 138 -11.70 -21.87 -6.04
N HIS A 139 -10.90 -22.74 -6.67
CA HIS A 139 -10.90 -22.93 -8.12
C HIS A 139 -10.69 -24.39 -8.44
N ASP A 140 -11.04 -24.81 -9.66
CA ASP A 140 -10.70 -26.17 -10.08
C ASP A 140 -9.19 -26.40 -9.85
N GLY A 141 -8.85 -27.58 -9.36
CA GLY A 141 -7.46 -27.93 -9.11
C GLY A 141 -6.89 -27.20 -7.92
N GLY A 142 -7.78 -26.67 -7.09
CA GLY A 142 -7.38 -25.95 -5.89
C GLY A 142 -6.39 -26.72 -5.02
N LYS A 143 -6.49 -28.05 -5.01
CA LYS A 143 -5.55 -28.86 -4.28
C LYS A 143 -4.13 -28.68 -4.82
N GLN A 144 -4.01 -28.64 -6.15
CA GLN A 144 -2.72 -28.46 -6.80
C GLN A 144 -2.17 -27.08 -6.55
N ALA A 145 -3.06 -26.08 -6.54
CA ALA A 145 -2.61 -24.71 -6.34
C ALA A 145 -2.12 -24.51 -4.91
N LEU A 146 -2.82 -25.09 -3.94
CA LEU A 146 -2.39 -24.99 -2.56
C LEU A 146 -1.00 -25.62 -2.38
N GLU A 147 -0.81 -26.82 -2.93
CA GLU A 147 0.44 -27.55 -2.74
C GLU A 147 1.62 -26.84 -3.44
N THR A 148 1.33 -26.22 -4.57
CA THR A 148 2.36 -25.48 -5.32
C THR A 148 2.70 -24.15 -4.62
N VAL A 149 1.70 -23.49 -4.03
CA VAL A 149 1.97 -22.31 -3.21
C VAL A 149 2.88 -22.65 -2.01
N GLN A 150 2.60 -23.77 -1.34
CA GLN A 150 3.43 -24.19 -0.22
C GLN A 150 4.88 -24.41 -0.65
N ALA A 151 5.05 -25.06 -1.79
CA ALA A 151 6.36 -25.39 -2.28
C ALA A 151 7.10 -24.18 -2.89
N LEU A 152 6.38 -23.30 -3.57
CA LEU A 152 7.03 -22.25 -4.35
C LEU A 152 6.94 -20.81 -3.81
N LEU A 153 6.13 -20.58 -2.78
CA LEU A 153 6.12 -19.26 -2.15
C LEU A 153 7.51 -18.71 -1.79
N PRO A 154 8.36 -19.52 -1.12
CA PRO A 154 9.71 -18.99 -0.81
C PRO A 154 10.53 -18.60 -2.05
N VAL A 155 10.67 -19.51 -3.00
CA VAL A 155 11.50 -19.23 -4.16
C VAL A 155 10.93 -18.13 -5.07
N LEU A 156 9.64 -17.85 -4.96
CA LEU A 156 9.02 -16.83 -5.81
C LEU A 156 9.14 -15.47 -5.16
N CYS A 157 9.08 -15.42 -3.84
CA CYS A 157 9.33 -14.18 -3.13
C CYS A 157 10.82 -13.86 -3.04
N GLN A 158 11.63 -14.87 -2.76
CA GLN A 158 13.06 -14.61 -2.53
C GLN A 158 13.88 -14.58 -3.81
N ALA A 159 13.90 -15.66 -4.57
CA ALA A 159 14.73 -15.68 -5.76
C ALA A 159 14.17 -14.85 -6.90
N HIS A 160 12.87 -14.51 -6.86
CA HIS A 160 12.27 -13.80 -8.00
C HIS A 160 11.63 -12.47 -7.68
N GLY A 161 11.48 -12.17 -6.39
CA GLY A 161 11.09 -10.83 -5.98
C GLY A 161 9.61 -10.54 -5.99
N LEU A 162 8.79 -11.58 -5.99
CA LEU A 162 7.34 -11.38 -5.93
C LEU A 162 6.88 -11.20 -4.48
N THR A 163 5.79 -10.46 -4.29
CA THR A 163 5.18 -10.34 -2.97
C THR A 163 4.28 -11.55 -2.76
N PRO A 164 3.98 -11.87 -1.49
CA PRO A 164 2.97 -12.91 -1.24
C PRO A 164 1.65 -12.61 -1.96
N GLU A 165 1.23 -11.35 -1.99
CA GLU A 165 -0.05 -11.00 -2.61
C GLU A 165 -0.02 -11.39 -4.08
N GLN A 166 1.14 -11.20 -4.71
CA GLN A 166 1.28 -11.53 -6.12
C GLN A 166 1.25 -13.02 -6.31
N VAL A 167 1.87 -13.77 -5.40
CA VAL A 167 1.86 -15.21 -5.54
C VAL A 167 0.45 -15.76 -5.40
N VAL A 168 -0.30 -15.17 -4.46
CA VAL A 168 -1.68 -15.53 -4.20
C VAL A 168 -2.57 -15.22 -5.40
N ALA A 169 -2.40 -14.04 -5.99
CA ALA A 169 -3.12 -13.66 -7.21
C ALA A 169 -2.84 -14.60 -8.36
N ILE A 170 -1.60 -15.02 -8.53
CA ILE A 170 -1.29 -15.95 -9.61
C ILE A 170 -1.99 -17.29 -9.35
N ALA A 171 -1.94 -17.71 -8.09
CA ALA A 171 -2.41 -19.05 -7.73
C ALA A 171 -3.93 -19.18 -7.76
N SER A 172 -4.63 -18.05 -7.68
CA SER A 172 -6.08 -18.06 -7.48
C SER A 172 -6.84 -18.00 -8.80
N ASN A 173 -6.51 -18.93 -9.69
CA ASN A 173 -7.26 -19.16 -10.93
C ASN A 173 -7.23 -20.67 -11.16
N GLY A 174 -8.15 -21.17 -11.98
CA GLY A 174 -8.02 -22.53 -12.50
C GLY A 174 -6.61 -22.73 -13.08
N GLY A 175 -6.05 -23.92 -12.90
CA GLY A 175 -4.70 -24.21 -13.34
C GLY A 175 -3.65 -23.36 -12.63
N GLY A 176 -3.92 -22.98 -11.38
CA GLY A 176 -3.02 -22.12 -10.63
C GLY A 176 -1.60 -22.68 -10.56
N LYS A 177 -1.50 -23.97 -10.26
CA LYS A 177 -0.23 -24.67 -10.28
C LYS A 177 0.54 -24.46 -11.59
N GLN A 178 -0.13 -24.55 -12.73
CA GLN A 178 0.57 -24.35 -14.00
C GLN A 178 1.09 -22.93 -14.12
N ALA A 179 0.27 -21.96 -13.73
CA ALA A 179 0.67 -20.57 -13.82
C ALA A 179 1.88 -20.27 -12.93
N LEU A 180 1.85 -20.78 -11.70
CA LEU A 180 2.92 -20.55 -10.74
C LEU A 180 4.23 -21.09 -11.30
N GLU A 181 4.18 -22.30 -11.86
CA GLU A 181 5.40 -22.95 -12.31
C GLU A 181 5.95 -22.26 -13.53
N THR A 182 5.06 -21.83 -14.41
CA THR A 182 5.48 -21.14 -15.59
C THR A 182 6.07 -19.78 -15.23
N VAL A 183 5.57 -19.16 -14.17
CA VAL A 183 6.13 -17.87 -13.78
C VAL A 183 7.54 -18.01 -13.19
N GLN A 184 7.74 -19.07 -12.41
CA GLN A 184 9.06 -19.32 -11.85
C GLN A 184 10.10 -19.38 -12.97
N ARG A 185 9.78 -20.13 -14.01
CA ARG A 185 10.69 -20.33 -15.12
C ARG A 185 10.77 -19.12 -16.05
N LEU A 186 9.66 -18.43 -16.25
CA LEU A 186 9.61 -17.44 -17.33
C LEU A 186 9.75 -16.00 -16.91
N LEU A 187 9.73 -15.72 -15.61
CA LEU A 187 9.80 -14.35 -15.12
C LEU A 187 11.14 -13.65 -15.44
N PRO A 188 12.28 -14.32 -15.18
CA PRO A 188 13.54 -13.68 -15.60
C PRO A 188 13.65 -13.50 -17.11
N VAL A 189 13.21 -14.50 -17.89
CA VAL A 189 13.22 -14.40 -19.34
C VAL A 189 12.36 -13.24 -19.84
N LEU A 190 11.14 -13.11 -19.33
CA LEU A 190 10.27 -12.03 -19.78
C LEU A 190 10.77 -10.67 -19.31
N CYS A 191 11.35 -10.60 -18.11
CA CYS A 191 11.79 -9.31 -17.58
C CYS A 191 13.10 -8.85 -18.22
N GLN A 192 14.12 -9.70 -18.16
CA GLN A 192 15.45 -9.32 -18.62
C GLN A 192 15.64 -9.36 -20.12
N ALA A 193 14.82 -10.11 -20.84
CA ALA A 193 14.94 -10.15 -22.30
C ALA A 193 14.02 -9.19 -23.03
N HIS A 194 12.89 -8.83 -22.42
CA HIS A 194 11.91 -7.99 -23.09
C HIS A 194 11.51 -6.76 -22.28
N GLY A 195 12.16 -6.58 -21.14
CA GLY A 195 11.88 -5.43 -20.30
C GLY A 195 10.46 -5.35 -19.78
N LEU A 196 9.88 -6.49 -19.41
CA LEU A 196 8.61 -6.47 -18.69
C LEU A 196 8.89 -6.32 -17.21
N THR A 197 8.03 -5.62 -16.50
CA THR A 197 8.12 -5.53 -15.04
C THR A 197 7.57 -6.81 -14.46
N PRO A 198 7.94 -7.14 -13.21
CA PRO A 198 7.28 -8.23 -12.48
C PRO A 198 5.77 -8.04 -12.52
N GLN A 199 5.31 -6.81 -12.27
CA GLN A 199 3.88 -6.54 -12.23
C GLN A 199 3.14 -6.87 -13.54
N GLN A 200 3.79 -6.62 -14.67
CA GLN A 200 3.20 -6.97 -15.96
C GLN A 200 3.17 -8.48 -16.12
N VAL A 201 4.19 -9.16 -15.62
CA VAL A 201 4.24 -10.61 -15.74
C VAL A 201 3.18 -11.22 -14.84
N VAL A 202 3.02 -10.67 -13.65
CA VAL A 202 1.98 -11.12 -12.74
C VAL A 202 0.58 -10.97 -13.37
N ALA A 203 0.33 -9.82 -13.99
CA ALA A 203 -0.93 -9.56 -14.68
C ALA A 203 -1.18 -10.58 -15.79
N ILE A 204 -0.16 -10.87 -16.59
CA ILE A 204 -0.29 -11.94 -17.59
C ILE A 204 -0.61 -13.29 -16.93
N ALA A 205 0.11 -13.62 -15.87
CA ALA A 205 -0.04 -14.92 -15.23
C ALA A 205 -1.36 -15.13 -14.46
N SER A 206 -2.02 -14.04 -14.09
CA SER A 206 -3.17 -14.10 -13.18
C SER A 206 -4.55 -14.19 -13.87
N ASN A 207 -4.72 -15.25 -14.67
CA ASN A 207 -6.01 -15.58 -15.29
C ASN A 207 -6.00 -17.09 -15.47
N GLY A 208 -7.16 -17.69 -15.75
CA GLY A 208 -7.15 -19.09 -16.18
C GLY A 208 -6.24 -19.16 -17.39
N GLY A 209 -5.53 -20.28 -17.57
CA GLY A 209 -4.62 -20.41 -18.69
C GLY A 209 -3.44 -19.44 -18.66
N GLY A 210 -3.12 -18.95 -17.47
CA GLY A 210 -1.97 -18.10 -17.23
C GLY A 210 -0.71 -18.65 -17.87
N LYS A 211 -0.46 -19.94 -17.68
CA LYS A 211 0.68 -20.57 -18.31
C LYS A 211 0.67 -20.41 -19.84
N GLN A 212 -0.46 -20.69 -20.48
CA GLN A 212 -0.58 -20.55 -21.92
C GLN A 212 -0.25 -19.13 -22.37
N ALA A 213 -0.74 -18.16 -21.62
CA ALA A 213 -0.56 -16.77 -22.03
C ALA A 213 0.89 -16.33 -21.85
N LEU A 214 1.54 -16.76 -20.78
CA LEU A 214 2.95 -16.42 -20.56
C LEU A 214 3.84 -16.99 -21.65
N GLU A 215 3.67 -18.28 -21.94
CA GLU A 215 4.46 -18.94 -22.96
C GLU A 215 4.19 -18.31 -24.32
N THR A 216 2.96 -17.87 -24.53
CA THR A 216 2.61 -17.30 -25.82
C THR A 216 3.23 -15.91 -25.93
N VAL A 217 3.29 -15.19 -24.80
CA VAL A 217 3.92 -13.88 -24.84
C VAL A 217 5.39 -14.03 -25.22
N GLN A 218 6.08 -14.96 -24.54
CA GLN A 218 7.48 -15.22 -24.84
C GLN A 218 7.70 -15.52 -26.32
N ARG A 219 6.87 -16.39 -26.87
CA ARG A 219 7.02 -16.77 -28.26
C ARG A 219 6.74 -15.61 -29.23
N LEU A 220 5.62 -14.93 -29.01
CA LEU A 220 5.12 -13.96 -29.99
C LEU A 220 5.55 -12.50 -29.81
N LEU A 221 6.05 -12.14 -28.63
CA LEU A 221 6.45 -10.76 -28.36
C LEU A 221 7.44 -10.16 -29.39
N PRO A 222 8.51 -10.90 -29.76
CA PRO A 222 9.37 -10.42 -30.83
C PRO A 222 8.64 -10.21 -32.17
N VAL A 223 7.87 -11.18 -32.62
CA VAL A 223 7.21 -11.05 -33.92
C VAL A 223 6.13 -9.97 -33.94
N LEU A 224 5.50 -9.73 -32.79
CA LEU A 224 4.46 -8.73 -32.69
C LEU A 224 5.02 -7.32 -32.63
N CYS A 225 6.21 -7.20 -32.04
CA CYS A 225 6.78 -5.89 -31.81
C CYS A 225 7.59 -5.29 -32.96
N GLN A 226 8.12 -6.12 -33.84
CA GLN A 226 8.84 -5.57 -35.00
C GLN A 226 7.94 -5.55 -36.23
N ALA A 227 7.45 -6.73 -36.61
CA ALA A 227 6.67 -6.91 -37.82
C ALA A 227 5.37 -6.10 -37.86
N HIS A 228 4.59 -6.19 -36.79
CA HIS A 228 3.28 -5.56 -36.77
C HIS A 228 3.31 -4.20 -36.08
N GLY A 229 4.46 -3.84 -35.52
CA GLY A 229 4.64 -2.54 -34.90
C GLY A 229 3.87 -2.36 -33.59
N LEU A 230 3.70 -3.44 -32.83
CA LEU A 230 3.01 -3.34 -31.56
C LEU A 230 3.99 -2.96 -30.44
N THR A 231 3.48 -2.19 -29.48
CA THR A 231 4.28 -1.83 -28.32
C THR A 231 4.24 -3.03 -27.36
N PRO A 232 5.32 -3.21 -26.58
CA PRO A 232 5.28 -4.26 -25.54
C PRO A 232 4.09 -4.04 -24.61
N GLN A 233 3.74 -2.77 -24.40
CA GLN A 233 2.60 -2.44 -23.58
C GLN A 233 1.28 -2.95 -24.16
N GLN A 234 1.14 -2.88 -25.49
CA GLN A 234 -0.07 -3.37 -26.14
C GLN A 234 -0.14 -4.89 -26.13
N VAL A 235 1.01 -5.56 -26.24
CA VAL A 235 1.06 -7.01 -26.16
C VAL A 235 0.67 -7.50 -24.77
N VAL A 236 1.27 -6.92 -23.74
CA VAL A 236 0.92 -7.24 -22.36
C VAL A 236 -0.57 -7.08 -22.11
N ALA A 237 -1.18 -6.01 -22.63
CA ALA A 237 -2.60 -5.81 -22.40
C ALA A 237 -3.47 -6.89 -23.03
N ILE A 238 -3.07 -7.34 -24.21
CA ILE A 238 -3.81 -8.40 -24.88
C ILE A 238 -3.67 -9.72 -24.11
N ALA A 239 -2.46 -10.00 -23.68
CA ALA A 239 -2.18 -11.24 -22.97
C ALA A 239 -2.79 -11.28 -21.57
N SER A 240 -3.02 -10.10 -20.99
CA SER A 240 -3.55 -9.99 -19.64
C SER A 240 -5.05 -10.23 -19.59
N ASN A 241 -5.49 -11.39 -20.10
CA ASN A 241 -6.89 -11.74 -20.11
C ASN A 241 -7.11 -13.23 -20.33
N GLY A 242 -8.12 -13.79 -19.67
CA GLY A 242 -8.45 -15.19 -19.85
C GLY A 242 -8.43 -15.54 -21.33
N GLY A 243 -7.62 -16.54 -21.67
CA GLY A 243 -7.48 -16.94 -23.06
C GLY A 243 -6.57 -16.00 -23.82
N GLY A 244 -5.61 -15.41 -23.10
CA GLY A 244 -4.67 -14.50 -23.71
C GLY A 244 -3.96 -15.11 -24.90
N LYS A 245 -3.59 -16.38 -24.78
CA LYS A 245 -2.92 -17.08 -25.86
C LYS A 245 -3.72 -17.00 -27.15
N GLN A 246 -5.00 -17.35 -27.06
CA GLN A 246 -5.89 -17.28 -28.21
C GLN A 246 -6.01 -15.87 -28.77
N ALA A 247 -6.15 -14.87 -27.88
CA ALA A 247 -6.21 -13.48 -28.36
C ALA A 247 -4.92 -13.05 -29.10
N LEU A 248 -3.77 -13.36 -28.50
CA LEU A 248 -2.46 -13.05 -29.10
C LEU A 248 -2.29 -13.67 -30.51
N GLU A 249 -2.48 -14.98 -30.61
CA GLU A 249 -2.33 -15.67 -31.87
C GLU A 249 -3.28 -15.08 -32.90
N THR A 250 -4.44 -14.63 -32.45
CA THR A 250 -5.44 -14.11 -33.39
C THR A 250 -5.10 -12.70 -33.83
N VAL A 251 -4.44 -11.95 -32.94
CA VAL A 251 -3.97 -10.61 -33.28
C VAL A 251 -2.91 -10.68 -34.38
N GLN A 252 -1.96 -11.59 -34.22
CA GLN A 252 -0.94 -11.78 -35.24
C GLN A 252 -1.58 -12.09 -36.60
N ARG A 253 -2.52 -13.02 -36.59
CA ARG A 253 -3.26 -13.39 -37.80
C ARG A 253 -4.02 -12.21 -38.37
N LEU A 254 -4.87 -11.60 -37.56
CA LEU A 254 -5.91 -10.73 -38.13
C LEU A 254 -5.65 -9.23 -38.09
N LEU A 255 -4.56 -8.80 -37.46
CA LEU A 255 -4.29 -7.36 -37.40
C LEU A 255 -4.12 -6.75 -38.80
N PRO A 256 -3.26 -7.33 -39.64
CA PRO A 256 -3.13 -6.71 -40.97
C PRO A 256 -4.40 -6.77 -41.79
N VAL A 257 -5.07 -7.92 -41.76
CA VAL A 257 -6.34 -8.14 -42.45
C VAL A 257 -7.44 -7.12 -42.11
N LEU A 258 -7.60 -6.86 -40.82
CA LEU A 258 -8.57 -5.89 -40.33
C LEU A 258 -8.18 -4.45 -40.69
N CYS A 259 -6.90 -4.12 -40.51
CA CYS A 259 -6.38 -2.80 -40.86
C CYS A 259 -6.54 -2.48 -42.35
N GLN A 260 -5.93 -3.29 -43.20
CA GLN A 260 -5.94 -3.04 -44.64
C GLN A 260 -7.36 -3.02 -45.21
N ALA A 261 -8.14 -4.05 -44.91
CA ALA A 261 -9.44 -4.23 -45.54
C ALA A 261 -10.58 -3.41 -44.93
N HIS A 262 -10.38 -2.90 -43.72
CA HIS A 262 -11.47 -2.18 -43.04
C HIS A 262 -11.06 -0.82 -42.50
N GLY A 263 -9.76 -0.54 -42.52
CA GLY A 263 -9.25 0.75 -42.14
C GLY A 263 -9.21 0.98 -40.66
N LEU A 264 -9.14 -0.10 -39.88
CA LEU A 264 -8.98 0.02 -38.44
C LEU A 264 -7.53 0.32 -38.09
N THR A 265 -7.35 1.04 -36.99
CA THR A 265 -6.02 1.34 -36.50
C THR A 265 -5.54 0.12 -35.72
N PRO A 266 -4.22 0.05 -35.47
CA PRO A 266 -3.80 -1.04 -34.58
C PRO A 266 -4.34 -0.82 -33.17
N GLN A 267 -4.62 0.45 -32.83
CA GLN A 267 -5.11 0.80 -31.50
C GLN A 267 -6.50 0.19 -31.31
N GLN A 268 -7.30 0.25 -32.37
CA GLN A 268 -8.64 -0.32 -32.32
C GLN A 268 -8.58 -1.86 -32.26
N VAL A 269 -7.66 -2.45 -33.00
CA VAL A 269 -7.48 -3.90 -33.00
C VAL A 269 -7.10 -4.40 -31.61
N VAL A 270 -6.20 -3.68 -30.95
CA VAL A 270 -5.75 -4.04 -29.62
C VAL A 270 -6.92 -4.02 -28.64
N ALA A 271 -7.77 -3.01 -28.79
CA ALA A 271 -8.91 -2.86 -27.89
C ALA A 271 -9.94 -3.97 -28.09
N ILE A 272 -10.11 -4.43 -29.32
CA ILE A 272 -10.98 -5.57 -29.56
C ILE A 272 -10.40 -6.84 -28.91
N ALA A 273 -9.09 -7.01 -29.02
CA ALA A 273 -8.41 -8.21 -28.55
C ALA A 273 -8.26 -8.27 -27.03
N SER A 274 -8.30 -7.12 -26.37
CA SER A 274 -8.02 -7.05 -24.95
C SER A 274 -9.22 -7.30 -24.01
N ASN A 275 -9.99 -8.34 -24.30
CA ASN A 275 -10.98 -8.87 -23.36
C ASN A 275 -10.97 -10.39 -23.39
N GLN A 276 -11.64 -11.02 -22.44
CA GLN A 276 -11.84 -12.46 -22.49
C GLN A 276 -12.62 -12.78 -23.77
N GLY A 277 -12.12 -13.74 -24.56
CA GLY A 277 -12.74 -14.04 -25.83
C GLY A 277 -12.37 -13.08 -26.95
N GLY A 278 -11.26 -12.36 -26.78
CA GLY A 278 -10.77 -11.45 -27.81
C GLY A 278 -10.65 -12.09 -29.19
N LYS A 279 -10.17 -13.33 -29.21
CA LYS A 279 -10.07 -14.10 -30.43
C LYS A 279 -11.39 -14.12 -31.15
N GLN A 280 -12.44 -14.42 -30.39
CA GLN A 280 -13.79 -14.51 -30.92
C GLN A 280 -14.28 -13.15 -31.39
N ALA A 281 -13.90 -12.11 -30.66
CA ALA A 281 -14.30 -10.77 -31.03
C ALA A 281 -13.64 -10.36 -32.36
N LEU A 282 -12.34 -10.61 -32.51
CA LEU A 282 -11.66 -10.30 -33.77
C LEU A 282 -12.27 -11.02 -34.97
N GLU A 283 -12.34 -12.35 -34.92
CA GLU A 283 -12.85 -13.12 -36.06
C GLU A 283 -14.28 -12.71 -36.40
N THR A 284 -15.04 -12.30 -35.40
CA THR A 284 -16.39 -11.85 -35.66
C THR A 284 -16.39 -10.49 -36.37
N VAL A 285 -15.49 -9.60 -35.97
CA VAL A 285 -15.40 -8.29 -36.62
C VAL A 285 -15.06 -8.44 -38.10
N GLN A 286 -14.07 -9.29 -38.39
CA GLN A 286 -13.68 -9.59 -39.77
C GLN A 286 -14.88 -10.01 -40.62
N ARG A 287 -15.72 -10.87 -40.06
CA ARG A 287 -16.89 -11.37 -40.78
C ARG A 287 -17.96 -10.29 -40.87
N LEU A 288 -18.23 -9.66 -39.75
CA LEU A 288 -19.51 -8.97 -39.55
C LEU A 288 -19.49 -7.49 -39.84
N LEU A 289 -18.32 -6.87 -39.73
CA LEU A 289 -18.25 -5.42 -39.95
C LEU A 289 -18.92 -4.97 -41.25
N PRO A 290 -18.55 -5.56 -42.40
CA PRO A 290 -19.17 -5.11 -43.66
C PRO A 290 -20.67 -5.31 -43.64
N VAL A 291 -21.12 -6.41 -43.06
CA VAL A 291 -22.54 -6.67 -42.95
C VAL A 291 -23.25 -5.62 -42.09
N LEU A 292 -22.59 -5.16 -41.04
CA LEU A 292 -23.22 -4.21 -40.14
C LEU A 292 -23.17 -2.83 -40.75
N CYS A 293 -22.08 -2.53 -41.46
CA CYS A 293 -21.83 -1.21 -42.01
C CYS A 293 -22.53 -0.89 -43.34
N GLN A 294 -23.11 -1.89 -43.98
CA GLN A 294 -23.73 -1.69 -45.29
C GLN A 294 -24.93 -0.75 -45.24
N ALA A 295 -25.27 -0.18 -46.40
CA ALA A 295 -26.45 0.67 -46.57
C ALA A 295 -26.47 1.90 -45.66
N HIS A 296 -25.29 2.48 -45.44
CA HIS A 296 -25.11 3.60 -44.50
C HIS A 296 -25.59 3.26 -43.09
N GLY A 297 -25.54 1.97 -42.74
CA GLY A 297 -25.94 1.51 -41.42
C GLY A 297 -24.92 1.90 -40.38
N LEU A 298 -24.60 0.98 -39.48
CA LEU A 298 -23.59 1.24 -38.45
C LEU A 298 -22.25 1.67 -39.05
N THR A 299 -21.62 2.67 -38.43
CA THR A 299 -20.28 3.08 -38.83
C THR A 299 -19.29 2.03 -38.33
N PRO A 300 -18.07 2.00 -38.90
CA PRO A 300 -17.01 1.13 -38.38
C PRO A 300 -16.74 1.37 -36.90
N GLN A 301 -16.66 2.64 -36.52
CA GLN A 301 -16.31 3.08 -35.17
C GLN A 301 -17.24 2.50 -34.12
N GLN A 302 -18.51 2.38 -34.48
CA GLN A 302 -19.52 1.80 -33.62
C GLN A 302 -19.34 0.28 -33.52
N VAL A 303 -18.91 -0.35 -34.61
CA VAL A 303 -18.70 -1.79 -34.57
C VAL A 303 -17.51 -2.11 -33.68
N VAL A 304 -16.51 -1.24 -33.69
CA VAL A 304 -15.33 -1.43 -32.87
C VAL A 304 -15.71 -1.38 -31.41
N ALA A 305 -16.54 -0.40 -31.07
CA ALA A 305 -16.96 -0.20 -29.69
C ALA A 305 -17.71 -1.41 -29.15
N ILE A 306 -18.64 -1.92 -29.94
CA ILE A 306 -19.40 -3.10 -29.52
C ILE A 306 -18.46 -4.27 -29.35
N ALA A 307 -17.47 -4.34 -30.24
CA ALA A 307 -16.53 -5.46 -30.24
C ALA A 307 -15.60 -5.41 -29.04
N SER A 308 -15.36 -4.21 -28.53
CA SER A 308 -14.32 -3.98 -27.51
C SER A 308 -14.75 -4.23 -26.05
N ASN A 309 -15.47 -5.31 -25.82
CA ASN A 309 -15.87 -5.75 -24.49
C ASN A 309 -15.89 -7.28 -24.45
N GLY A 310 -15.89 -7.85 -23.25
CA GLY A 310 -15.99 -9.28 -23.09
C GLY A 310 -17.24 -9.78 -23.76
N GLY A 311 -17.15 -10.91 -24.46
CA GLY A 311 -18.25 -11.41 -25.26
C GLY A 311 -18.66 -10.51 -26.42
N GLY A 312 -17.74 -9.67 -26.89
CA GLY A 312 -17.97 -8.84 -28.06
C GLY A 312 -18.56 -9.60 -29.24
N LYS A 313 -18.16 -10.85 -29.41
CA LYS A 313 -18.75 -11.71 -30.44
C LYS A 313 -20.24 -11.83 -30.25
N GLN A 314 -20.66 -12.09 -29.01
CA GLN A 314 -22.07 -12.30 -28.71
C GLN A 314 -22.87 -11.01 -28.91
N ALA A 315 -22.26 -9.90 -28.54
CA ALA A 315 -22.88 -8.62 -28.72
C ALA A 315 -23.03 -8.29 -30.21
N LEU A 316 -21.98 -8.54 -30.98
CA LEU A 316 -22.02 -8.26 -32.43
C LEU A 316 -23.13 -9.03 -33.13
N GLU A 317 -23.17 -10.33 -32.89
CA GLU A 317 -24.19 -11.16 -33.52
C GLU A 317 -25.59 -10.76 -33.08
N THR A 318 -25.71 -10.34 -31.82
CA THR A 318 -27.04 -10.04 -31.30
C THR A 318 -27.57 -8.74 -31.90
N VAL A 319 -26.67 -7.78 -32.09
CA VAL A 319 -27.02 -6.54 -32.76
C VAL A 319 -27.50 -6.80 -34.18
N GLN A 320 -26.76 -7.62 -34.92
CA GLN A 320 -27.11 -7.97 -36.29
C GLN A 320 -28.53 -8.54 -36.34
N ARG A 321 -28.90 -9.28 -35.31
CA ARG A 321 -30.23 -9.88 -35.21
C ARG A 321 -31.28 -8.87 -34.77
N LEU A 322 -30.91 -8.05 -33.79
CA LEU A 322 -31.88 -7.23 -33.06
C LEU A 322 -31.93 -5.76 -33.45
N LEU A 323 -30.90 -5.26 -34.13
CA LEU A 323 -30.94 -3.88 -34.60
C LEU A 323 -32.27 -3.51 -35.30
N PRO A 324 -32.68 -4.28 -36.34
CA PRO A 324 -33.96 -3.94 -36.99
C PRO A 324 -35.20 -3.99 -36.09
N VAL A 325 -35.38 -5.07 -35.33
CA VAL A 325 -36.56 -5.24 -34.50
C VAL A 325 -36.62 -4.28 -33.30
N LEU A 326 -35.46 -3.78 -32.87
CA LEU A 326 -35.39 -2.86 -31.74
C LEU A 326 -35.58 -1.44 -32.21
N CYS A 327 -35.07 -1.17 -33.40
CA CYS A 327 -35.22 0.15 -33.98
C CYS A 327 -36.63 0.35 -34.50
N GLN A 328 -37.05 -0.53 -35.39
CA GLN A 328 -38.36 -0.43 -35.99
C GLN A 328 -39.46 -0.53 -34.95
N ALA A 329 -39.55 -1.67 -34.27
CA ALA A 329 -40.70 -1.99 -33.42
C ALA A 329 -40.66 -1.42 -31.99
N HIS A 330 -39.51 -0.93 -31.56
CA HIS A 330 -39.41 -0.41 -30.20
C HIS A 330 -39.05 1.08 -30.16
N GLY A 331 -38.92 1.69 -31.33
CA GLY A 331 -38.64 3.10 -31.43
C GLY A 331 -37.25 3.52 -30.94
N LEU A 332 -36.28 2.60 -31.01
CA LEU A 332 -34.93 2.94 -30.60
C LEU A 332 -34.08 3.40 -31.76
N THR A 333 -33.17 4.34 -31.50
CA THR A 333 -32.18 4.74 -32.48
C THR A 333 -31.09 3.68 -32.55
N PRO A 334 -30.46 3.51 -33.73
CA PRO A 334 -29.32 2.61 -33.88
C PRO A 334 -28.23 2.94 -32.87
N GLN A 335 -28.11 4.23 -32.58
CA GLN A 335 -27.16 4.76 -31.63
C GLN A 335 -27.44 4.25 -30.21
N GLN A 336 -28.71 4.08 -29.88
CA GLN A 336 -29.12 3.58 -28.57
C GLN A 336 -28.86 2.08 -28.48
N VAL A 337 -29.09 1.38 -29.58
CA VAL A 337 -28.79 -0.03 -29.63
C VAL A 337 -27.30 -0.24 -29.42
N VAL A 338 -26.49 0.62 -30.05
CA VAL A 338 -25.03 0.52 -29.90
C VAL A 338 -24.57 0.82 -28.47
N ALA A 339 -25.26 1.75 -27.81
CA ALA A 339 -24.93 2.08 -26.42
C ALA A 339 -25.15 0.87 -25.51
N ILE A 340 -26.29 0.20 -25.66
CA ILE A 340 -26.64 -0.97 -24.86
C ILE A 340 -25.72 -2.16 -25.10
N ALA A 341 -25.20 -2.27 -26.31
CA ALA A 341 -24.38 -3.42 -26.68
C ALA A 341 -22.92 -3.26 -26.26
N SER A 342 -22.52 -2.02 -26.00
CA SER A 342 -21.11 -1.72 -25.77
C SER A 342 -20.70 -1.86 -24.32
N HIS A 343 -20.97 -3.02 -23.72
CA HIS A 343 -20.57 -3.35 -22.36
C HIS A 343 -20.43 -4.85 -22.28
N ASP A 344 -19.67 -5.35 -21.32
CA ASP A 344 -19.66 -6.79 -21.07
C ASP A 344 -21.12 -7.29 -20.94
N GLY A 345 -21.44 -8.36 -21.65
CA GLY A 345 -22.78 -8.92 -21.55
C GLY A 345 -23.81 -8.22 -22.41
N GLY A 346 -23.32 -7.42 -23.36
CA GLY A 346 -24.16 -6.76 -24.34
C GLY A 346 -25.29 -7.60 -24.90
N LYS A 347 -24.99 -8.86 -25.20
CA LYS A 347 -26.01 -9.75 -25.73
C LYS A 347 -27.14 -9.89 -24.74
N GLN A 348 -26.80 -10.17 -23.48
CA GLN A 348 -27.79 -10.33 -22.43
C GLN A 348 -28.65 -9.08 -22.31
N ALA A 349 -27.99 -7.94 -22.32
CA ALA A 349 -28.69 -6.69 -22.14
C ALA A 349 -29.62 -6.37 -23.33
N LEU A 350 -29.17 -6.67 -24.55
CA LEU A 350 -30.01 -6.41 -25.72
C LEU A 350 -31.27 -7.22 -25.63
N GLU A 351 -31.11 -8.50 -25.35
CA GLU A 351 -32.22 -9.42 -25.26
C GLU A 351 -33.21 -9.00 -24.18
N THR A 352 -32.69 -8.45 -23.10
CA THR A 352 -33.53 -8.08 -21.97
C THR A 352 -34.27 -6.77 -22.23
N VAL A 353 -33.63 -5.84 -22.94
CA VAL A 353 -34.34 -4.65 -23.41
C VAL A 353 -35.50 -5.05 -24.33
N GLN A 354 -35.22 -5.93 -25.29
CA GLN A 354 -36.23 -6.39 -26.24
C GLN A 354 -37.41 -6.98 -25.48
N ARG A 355 -37.11 -7.79 -24.48
CA ARG A 355 -38.15 -8.47 -23.72
C ARG A 355 -38.89 -7.55 -22.74
N LEU A 356 -38.19 -6.56 -22.17
CA LEU A 356 -38.70 -5.81 -21.04
C LEU A 356 -38.99 -4.33 -21.28
N LEU A 357 -38.49 -3.79 -22.38
CA LEU A 357 -38.77 -2.37 -22.71
C LEU A 357 -40.27 -2.06 -22.68
N PRO A 358 -41.10 -2.88 -23.38
CA PRO A 358 -42.54 -2.59 -23.29
C PRO A 358 -43.17 -2.79 -21.90
N VAL A 359 -42.65 -3.73 -21.12
CA VAL A 359 -43.16 -3.91 -19.77
C VAL A 359 -42.82 -2.73 -18.87
N LEU A 360 -41.54 -2.38 -18.83
CA LEU A 360 -41.07 -1.28 -18.00
C LEU A 360 -41.72 0.05 -18.37
N CYS A 361 -42.08 0.20 -19.64
CA CYS A 361 -42.71 1.42 -20.09
C CYS A 361 -44.20 1.45 -19.71
N GLN A 362 -44.93 0.39 -20.06
CA GLN A 362 -46.37 0.36 -19.88
C GLN A 362 -46.73 0.09 -18.43
N ALA A 363 -46.09 -0.91 -17.84
CA ALA A 363 -46.45 -1.37 -16.50
C ALA A 363 -45.85 -0.55 -15.36
N HIS A 364 -44.69 0.06 -15.60
CA HIS A 364 -43.94 0.80 -14.57
C HIS A 364 -43.74 2.28 -14.86
N GLY A 365 -44.08 2.71 -16.07
CA GLY A 365 -44.08 4.12 -16.40
C GLY A 365 -42.72 4.75 -16.65
N LEU A 366 -41.74 3.97 -17.06
CA LEU A 366 -40.44 4.56 -17.41
C LEU A 366 -40.41 5.01 -18.87
N THR A 367 -39.45 5.86 -19.23
CA THR A 367 -39.20 6.13 -20.63
C THR A 367 -38.21 5.13 -21.16
N PRO A 368 -38.26 4.90 -22.49
CA PRO A 368 -37.23 4.17 -23.24
C PRO A 368 -35.85 4.63 -22.87
N GLU A 369 -35.67 5.94 -22.72
CA GLU A 369 -34.38 6.56 -22.40
C GLU A 369 -33.88 6.03 -21.08
N GLN A 370 -34.83 5.82 -20.16
CA GLN A 370 -34.51 5.35 -18.84
C GLN A 370 -34.14 3.88 -18.87
N VAL A 371 -34.86 3.14 -19.71
CA VAL A 371 -34.61 1.72 -19.88
C VAL A 371 -33.24 1.53 -20.51
N VAL A 372 -32.89 2.39 -21.47
CA VAL A 372 -31.60 2.32 -22.14
C VAL A 372 -30.51 2.67 -21.15
N ALA A 373 -30.74 3.71 -20.35
CA ALA A 373 -29.77 4.11 -19.36
C ALA A 373 -29.53 2.96 -18.38
N ILE A 374 -30.60 2.28 -17.96
CA ILE A 374 -30.42 1.14 -17.06
C ILE A 374 -29.63 0.03 -17.74
N ALA A 375 -29.97 -0.25 -18.99
CA ALA A 375 -29.35 -1.35 -19.72
C ALA A 375 -27.91 -1.08 -20.06
N SER A 376 -27.54 0.20 -20.19
CA SER A 376 -26.27 0.57 -20.79
C SER A 376 -25.09 0.57 -19.82
N ASN A 377 -24.99 -0.49 -19.02
CA ASN A 377 -23.87 -0.75 -18.11
C ASN A 377 -23.57 -2.23 -18.14
N GLY A 378 -22.38 -2.64 -17.69
CA GLY A 378 -22.13 -4.07 -17.54
C GLY A 378 -23.14 -4.64 -16.55
N GLY A 379 -23.67 -5.82 -16.86
CA GLY A 379 -24.70 -6.40 -16.00
C GLY A 379 -26.08 -5.82 -16.25
N GLY A 380 -26.23 -5.05 -17.32
CA GLY A 380 -27.47 -4.37 -17.63
C GLY A 380 -28.71 -5.26 -17.55
N LYS A 381 -28.57 -6.52 -17.93
CA LYS A 381 -29.65 -7.48 -17.76
C LYS A 381 -30.10 -7.58 -16.30
N GLN A 382 -29.14 -7.84 -15.43
CA GLN A 382 -29.43 -7.94 -14.00
C GLN A 382 -30.13 -6.70 -13.45
N ALA A 383 -29.59 -5.52 -13.75
CA ALA A 383 -30.22 -4.27 -13.33
C ALA A 383 -31.66 -4.12 -13.85
N LEU A 384 -31.90 -4.47 -15.12
CA LEU A 384 -33.24 -4.37 -15.68
C LEU A 384 -34.21 -5.30 -14.95
N GLU A 385 -33.79 -6.54 -14.70
CA GLU A 385 -34.64 -7.50 -14.00
C GLU A 385 -34.94 -7.09 -12.58
N THR A 386 -33.99 -6.41 -11.95
CA THR A 386 -34.12 -5.99 -10.57
C THR A 386 -35.04 -4.76 -10.46
N VAL A 387 -35.01 -3.89 -11.47
CA VAL A 387 -35.88 -2.73 -11.51
C VAL A 387 -37.31 -3.19 -11.71
N GLN A 388 -37.47 -4.19 -12.57
CA GLN A 388 -38.79 -4.77 -12.74
C GLN A 388 -39.31 -5.35 -11.43
N ARG A 389 -38.50 -6.13 -10.72
CA ARG A 389 -38.93 -6.76 -9.47
C ARG A 389 -39.18 -5.75 -8.35
N LEU A 390 -38.34 -4.72 -8.26
CA LEU A 390 -38.22 -3.97 -7.01
C LEU A 390 -38.77 -2.55 -7.07
N LEU A 391 -39.04 -2.05 -8.27
CA LEU A 391 -39.60 -0.70 -8.42
C LEU A 391 -40.89 -0.50 -7.58
N PRO A 392 -41.82 -1.48 -7.60
CA PRO A 392 -43.00 -1.28 -6.75
C PRO A 392 -42.71 -1.19 -5.25
N VAL A 393 -41.89 -2.08 -4.70
CA VAL A 393 -41.59 -2.00 -3.27
C VAL A 393 -40.77 -0.74 -2.91
N LEU A 394 -39.83 -0.35 -3.77
CA LEU A 394 -38.94 0.76 -3.49
C LEU A 394 -39.71 2.08 -3.49
N CYS A 395 -40.64 2.22 -4.42
CA CYS A 395 -41.50 3.39 -4.51
C CYS A 395 -42.64 3.38 -3.51
N GLN A 396 -43.36 2.26 -3.42
CA GLN A 396 -44.56 2.22 -2.58
C GLN A 396 -44.25 2.07 -1.09
N ALA A 397 -43.32 1.19 -0.77
CA ALA A 397 -43.02 0.88 0.62
C ALA A 397 -41.87 1.71 1.21
N HIS A 398 -40.97 2.19 0.35
CA HIS A 398 -39.78 2.91 0.87
C HIS A 398 -39.77 4.40 0.56
N GLY A 399 -40.71 4.87 -0.24
CA GLY A 399 -40.85 6.30 -0.48
C GLY A 399 -40.18 6.81 -1.75
N LEU A 400 -39.29 6.01 -2.34
CA LEU A 400 -38.47 6.50 -3.43
C LEU A 400 -39.26 6.86 -4.69
N THR A 401 -38.75 7.83 -5.43
CA THR A 401 -39.33 8.18 -6.71
C THR A 401 -38.79 7.19 -7.74
N PRO A 402 -39.48 7.04 -8.89
CA PRO A 402 -38.95 6.18 -9.95
C PRO A 402 -37.60 6.69 -10.45
N GLU A 403 -37.45 8.02 -10.47
CA GLU A 403 -36.19 8.67 -10.87
C GLU A 403 -35.01 8.25 -9.99
N GLN A 404 -35.25 8.04 -8.70
CA GLN A 404 -34.17 7.67 -7.78
C GLN A 404 -33.81 6.20 -8.01
N VAL A 405 -34.84 5.38 -8.23
CA VAL A 405 -34.62 3.97 -8.48
C VAL A 405 -33.83 3.80 -9.77
N VAL A 406 -34.17 4.58 -10.79
CA VAL A 406 -33.44 4.49 -12.05
C VAL A 406 -31.96 4.87 -11.86
N ALA A 407 -31.71 5.91 -11.06
CA ALA A 407 -30.35 6.34 -10.77
C ALA A 407 -29.54 5.22 -10.09
N ILE A 408 -30.10 4.61 -9.06
CA ILE A 408 -29.41 3.52 -8.39
C ILE A 408 -29.08 2.39 -9.35
N ALA A 409 -29.97 2.17 -10.30
CA ALA A 409 -29.86 0.99 -11.14
C ALA A 409 -28.86 1.19 -12.29
N SER A 410 -28.51 2.46 -12.53
CA SER A 410 -27.80 2.87 -13.74
C SER A 410 -26.27 2.91 -13.59
N HIS A 411 -25.73 1.87 -12.97
CA HIS A 411 -24.30 1.71 -12.83
C HIS A 411 -24.04 0.22 -12.81
N ASP A 412 -22.82 -0.19 -13.17
CA ASP A 412 -22.35 -1.55 -12.91
C ASP A 412 -22.76 -1.94 -11.47
N GLY A 413 -23.30 -3.13 -11.30
CA GLY A 413 -23.72 -3.59 -9.98
C GLY A 413 -25.06 -3.05 -9.51
N GLY A 414 -25.71 -2.28 -10.39
CA GLY A 414 -27.05 -1.75 -10.13
C GLY A 414 -28.01 -2.70 -9.43
N LYS A 415 -28.07 -3.94 -9.89
CA LYS A 415 -28.83 -4.98 -9.19
C LYS A 415 -28.44 -5.07 -7.72
N GLN A 416 -27.14 -5.17 -7.44
CA GLN A 416 -26.65 -5.23 -6.07
C GLN A 416 -27.02 -3.96 -5.27
N ALA A 417 -26.89 -2.82 -5.92
CA ALA A 417 -27.23 -1.57 -5.28
C ALA A 417 -28.73 -1.50 -4.94
N LEU A 418 -29.59 -1.89 -5.88
CA LEU A 418 -31.04 -1.87 -5.66
C LEU A 418 -31.47 -2.79 -4.52
N GLU A 419 -30.94 -4.02 -4.52
CA GLU A 419 -31.25 -5.02 -3.51
C GLU A 419 -30.79 -4.59 -2.13
N THR A 420 -29.64 -3.92 -2.09
CA THR A 420 -29.08 -3.50 -0.83
C THR A 420 -29.86 -2.32 -0.24
N VAL A 421 -30.33 -1.43 -1.11
CA VAL A 421 -31.10 -0.29 -0.65
C VAL A 421 -32.43 -0.76 -0.08
N GLN A 422 -33.09 -1.67 -0.77
CA GLN A 422 -34.36 -2.18 -0.28
C GLN A 422 -34.14 -2.85 1.06
N ARG A 423 -32.94 -3.40 1.24
N ARG A 423 -32.96 -3.43 1.23
CA ARG A 423 -32.61 -4.13 2.43
CA ARG A 423 -32.59 -4.13 2.44
C ARG A 423 -32.19 -3.22 3.59
C ARG A 423 -32.26 -3.16 3.57
N LEU A 424 -31.34 -2.24 3.29
CA LEU A 424 -30.79 -1.38 4.34
C LEU A 424 -31.40 0.01 4.47
N LEU A 425 -32.25 0.42 3.54
CA LEU A 425 -32.88 1.74 3.70
C LEU A 425 -33.51 1.97 5.10
N PRO A 426 -34.37 1.05 5.58
CA PRO A 426 -35.03 1.29 6.87
C PRO A 426 -34.09 1.51 8.06
N VAL A 427 -33.07 0.67 8.24
CA VAL A 427 -32.18 0.83 9.37
C VAL A 427 -31.29 2.08 9.25
N LEU A 428 -30.96 2.45 8.02
CA LEU A 428 -30.15 3.63 7.80
C LEU A 428 -30.90 4.92 8.10
N CYS A 429 -32.18 4.93 7.76
CA CYS A 429 -32.99 6.11 7.96
C CYS A 429 -33.63 6.13 9.34
N GLN A 430 -34.20 5.00 9.77
CA GLN A 430 -34.98 5.04 11.01
C GLN A 430 -34.09 4.82 12.22
N ALA A 431 -33.14 3.91 12.12
CA ALA A 431 -32.24 3.66 13.26
C ALA A 431 -31.10 4.66 13.40
N HIS A 432 -30.68 5.30 12.30
CA HIS A 432 -29.52 6.22 12.38
C HIS A 432 -29.73 7.61 11.76
N GLY A 433 -30.91 7.85 11.19
CA GLY A 433 -31.28 9.19 10.79
C GLY A 433 -30.71 9.75 9.49
N LEU A 434 -30.20 8.87 8.63
CA LEU A 434 -29.84 9.32 7.30
C LEU A 434 -31.11 9.66 6.53
N THR A 435 -31.04 10.65 5.66
CA THR A 435 -32.16 10.92 4.76
C THR A 435 -32.16 9.92 3.61
N PRO A 436 -33.36 9.59 3.07
CA PRO A 436 -33.47 8.79 1.84
C PRO A 436 -32.59 9.30 0.70
N GLN A 437 -32.51 10.62 0.54
CA GLN A 437 -31.69 11.21 -0.52
C GLN A 437 -30.21 10.89 -0.31
N GLN A 438 -29.78 10.77 0.94
CA GLN A 438 -28.39 10.43 1.21
C GLN A 438 -28.10 8.97 0.88
N VAL A 439 -29.06 8.11 1.20
CA VAL A 439 -28.92 6.68 0.92
C VAL A 439 -28.87 6.46 -0.58
N VAL A 440 -29.77 7.12 -1.29
CA VAL A 440 -29.78 7.08 -2.75
C VAL A 440 -28.46 7.58 -3.33
N ALA A 441 -27.93 8.66 -2.76
CA ALA A 441 -26.69 9.24 -3.25
C ALA A 441 -25.56 8.25 -3.09
N ILE A 442 -25.43 7.65 -1.90
CA ILE A 442 -24.38 6.66 -1.68
C ILE A 442 -24.52 5.53 -2.69
N ALA A 443 -25.76 5.12 -2.95
CA ALA A 443 -25.96 3.92 -3.74
C ALA A 443 -25.88 4.16 -5.24
N SER A 444 -25.92 5.42 -5.65
CA SER A 444 -25.89 5.77 -7.08
C SER A 444 -24.46 5.94 -7.61
N ASN A 445 -23.58 5.00 -7.27
CA ASN A 445 -22.24 4.92 -7.85
C ASN A 445 -21.93 3.43 -8.02
N GLY A 446 -21.02 3.10 -8.94
CA GLY A 446 -20.44 1.77 -8.98
C GLY A 446 -19.95 1.45 -7.58
N GLY A 447 -20.15 0.20 -7.15
CA GLY A 447 -19.84 -0.16 -5.77
C GLY A 447 -20.85 0.34 -4.74
N GLY A 448 -22.07 0.64 -5.20
CA GLY A 448 -23.13 1.07 -4.31
C GLY A 448 -23.36 0.13 -3.14
N ARG A 449 -23.41 -1.18 -3.43
CA ARG A 449 -23.67 -2.17 -2.39
C ARG A 449 -22.64 -2.14 -1.27
N PRO A 450 -21.34 -2.29 -1.60
CA PRO A 450 -20.42 -2.34 -0.47
C PRO A 450 -20.27 -0.99 0.23
N ALA A 451 -20.47 0.12 -0.48
CA ALA A 451 -20.42 1.44 0.18
C ALA A 451 -21.54 1.53 1.22
N LEU A 452 -22.75 1.05 0.86
CA LEU A 452 -23.87 1.01 1.82
C LEU A 452 -23.62 0.06 2.99
N GLU A 453 -23.05 -1.11 2.71
CA GLU A 453 -22.72 -2.04 3.78
C GLU A 453 -21.68 -1.47 4.76
N SER A 454 -20.69 -0.76 4.23
CA SER A 454 -19.61 -0.21 5.05
C SER A 454 -20.15 0.83 6.01
N ILE A 455 -21.02 1.69 5.49
CA ILE A 455 -21.73 2.68 6.28
C ILE A 455 -22.56 2.05 7.42
N VAL A 456 -23.34 1.03 7.10
CA VAL A 456 -24.18 0.38 8.10
C VAL A 456 -23.32 -0.27 9.17
N ALA A 457 -22.21 -0.86 8.74
CA ALA A 457 -21.21 -1.43 9.64
C ALA A 457 -20.74 -0.40 10.66
N GLN A 458 -20.37 0.77 10.16
CA GLN A 458 -19.82 1.84 11.00
C GLN A 458 -20.83 2.45 11.97
N LEU A 459 -22.10 2.45 11.59
CA LEU A 459 -23.14 2.95 12.49
C LEU A 459 -23.72 1.89 13.45
N SER A 460 -23.40 0.62 13.23
CA SER A 460 -23.90 -0.42 14.12
C SER A 460 -22.82 -1.06 15.01
N ARG A 461 -21.55 -0.91 14.60
CA ARG A 461 -20.40 -1.32 15.40
C ARG A 461 -19.30 -0.32 15.14
N PRO A 462 -19.42 0.88 15.75
CA PRO A 462 -18.55 1.99 15.40
C PRO A 462 -17.08 1.71 15.65
N ASP A 463 -16.27 1.83 14.60
CA ASP A 463 -14.83 1.82 14.75
C ASP A 463 -14.44 3.23 15.19
N PRO A 464 -13.71 3.35 16.32
CA PRO A 464 -13.22 4.66 16.79
C PRO A 464 -12.51 5.42 15.68
N ALA A 465 -11.83 4.67 14.82
CA ALA A 465 -11.13 5.23 13.66
C ALA A 465 -11.93 6.23 12.81
N LEU A 466 -13.26 6.22 12.93
CA LEU A 466 -14.10 7.14 12.14
C LEU A 466 -15.06 7.97 12.98
N ALA A 467 -15.01 7.78 14.30
CA ALA A 467 -15.89 8.51 15.23
C ALA A 467 -15.77 10.03 15.10
N ALA A 468 -14.58 10.51 14.74
CA ALA A 468 -14.37 11.94 14.48
C ALA A 468 -15.16 12.45 13.27
N LEU A 469 -15.71 11.55 12.45
CA LEU A 469 -16.54 11.93 11.33
C LEU A 469 -18.03 11.90 11.65
N THR A 470 -18.74 12.92 11.21
CA THR A 470 -20.19 13.00 11.39
C THR A 470 -20.86 12.09 10.37
N ASN A 471 -22.15 11.84 10.57
CA ASN A 471 -22.92 11.06 9.61
C ASN A 471 -22.82 11.66 8.21
N ASP A 472 -22.98 12.97 8.11
CA ASP A 472 -22.90 13.66 6.83
C ASP A 472 -21.51 13.57 6.19
N HIS A 473 -20.47 13.65 7.01
CA HIS A 473 -19.10 13.51 6.53
C HIS A 473 -18.91 12.11 6.00
N LEU A 474 -19.38 11.13 6.76
CA LEU A 474 -19.30 9.74 6.34
C LEU A 474 -20.04 9.52 5.02
N VAL A 475 -21.21 10.15 4.90
CA VAL A 475 -21.96 10.10 3.65
C VAL A 475 -21.17 10.70 2.49
N ALA A 476 -20.58 11.86 2.71
CA ALA A 476 -19.86 12.57 1.66
C ALA A 476 -18.68 11.73 1.19
N LEU A 477 -18.04 11.09 2.16
CA LEU A 477 -16.91 10.20 1.91
C LEU A 477 -17.36 8.99 1.12
N ALA A 478 -18.49 8.41 1.52
CA ALA A 478 -18.99 7.20 0.90
C ALA A 478 -19.45 7.46 -0.55
N CYS A 479 -19.99 8.64 -0.81
CA CYS A 479 -20.32 9.04 -2.18
C CYS A 479 -19.05 9.33 -2.97
N LEU A 480 -18.02 9.82 -2.29
CA LEU A 480 -16.78 10.20 -2.95
C LEU A 480 -15.96 9.01 -3.48
N GLY A 481 -15.85 7.95 -2.68
CA GLY A 481 -15.02 6.82 -3.06
C GLY A 481 -15.45 5.51 -2.44
N GLY A 482 -16.71 5.43 -2.01
CA GLY A 482 -17.29 4.19 -1.53
C GLY A 482 -16.55 3.53 -0.40
N ARG A 483 -16.71 2.21 -0.30
CA ARG A 483 -16.00 1.40 0.69
C ARG A 483 -14.48 1.63 0.72
N PRO A 484 -13.82 1.74 -0.45
CA PRO A 484 -12.38 1.98 -0.35
C PRO A 484 -12.04 3.29 0.40
N ALA A 485 -12.81 4.35 0.18
CA ALA A 485 -12.51 5.64 0.80
C ALA A 485 -12.68 5.55 2.32
N LEU A 486 -13.76 4.93 2.77
CA LEU A 486 -13.96 4.69 4.18
C LEU A 486 -12.81 3.85 4.75
N ASP A 487 -12.44 2.79 4.03
CA ASP A 487 -11.37 1.90 4.51
C ASP A 487 -10.03 2.59 4.63
N ALA A 488 -9.71 3.42 3.65
CA ALA A 488 -8.48 4.20 3.64
C ALA A 488 -8.46 5.12 4.86
N VAL A 489 -9.49 5.95 4.99
CA VAL A 489 -9.73 6.76 6.16
C VAL A 489 -9.62 5.94 7.45
N LYS A 490 -10.21 4.74 7.43
CA LYS A 490 -10.13 3.85 8.59
C LYS A 490 -8.68 3.60 8.96
N LYS A 491 -7.79 3.73 7.99
CA LYS A 491 -6.37 3.53 8.21
C LYS A 491 -5.66 4.85 8.47
N LEU A 492 -5.73 5.75 7.51
CA LEU A 492 -5.09 7.07 7.63
C LEU A 492 -5.12 7.54 9.09
N GLU A 493 -6.12 7.10 9.83
CA GLU A 493 -6.27 7.48 11.23
C GLU A 493 -5.30 6.70 12.12
N HIS A 494 -5.11 5.42 11.80
CA HIS A 494 -4.22 4.58 12.57
C HIS A 494 -2.81 5.09 12.53
N GLN B 2 51.91 38.38 13.31
CA GLN B 2 50.91 38.08 12.26
C GLN B 2 51.25 36.73 11.64
N TRP B 3 51.85 36.78 10.44
CA TRP B 3 52.54 35.64 9.86
C TRP B 3 53.58 35.18 10.88
N SER B 4 53.51 33.91 11.29
CA SER B 4 54.31 33.43 12.42
C SER B 4 54.28 31.91 12.59
N GLY B 5 55.29 31.38 13.28
CA GLY B 5 55.32 29.97 13.67
C GLY B 5 54.63 29.67 15.00
N ALA B 6 53.67 30.51 15.39
CA ALA B 6 52.92 30.32 16.64
C ALA B 6 52.30 28.94 16.72
N ARG B 7 52.08 28.45 17.94
CA ARG B 7 51.51 27.12 18.16
C ARG B 7 50.00 27.02 17.88
N ALA B 8 49.53 25.78 17.78
CA ALA B 8 48.17 25.48 17.31
C ALA B 8 47.07 26.16 18.11
N LEU B 9 47.06 25.89 19.41
CA LEU B 9 46.11 26.52 20.34
C LEU B 9 46.25 28.03 20.31
N GLU B 10 47.48 28.51 20.25
N GLU B 10 47.49 28.49 20.25
CA GLU B 10 47.73 29.93 20.24
CA GLU B 10 47.77 29.92 20.23
C GLU B 10 47.12 30.55 18.99
C GLU B 10 47.13 30.55 19.00
N ALA B 11 47.37 29.92 17.86
CA ALA B 11 46.84 30.38 16.58
C ALA B 11 45.31 30.40 16.62
N LEU B 12 44.73 29.40 17.27
CA LEU B 12 43.28 29.27 17.34
C LEU B 12 42.68 30.37 18.21
N LEU B 13 43.29 30.59 19.36
CA LEU B 13 42.75 31.51 20.35
C LEU B 13 42.91 32.95 19.86
N THR B 14 43.89 33.15 18.99
CA THR B 14 44.13 34.46 18.40
C THR B 14 43.08 34.80 17.37
N VAL B 15 42.83 33.85 16.48
CA VAL B 15 41.79 33.99 15.47
C VAL B 15 40.41 34.10 16.12
N ALA B 16 40.20 33.33 17.18
CA ALA B 16 38.93 33.37 17.90
C ALA B 16 38.71 34.78 18.43
N GLY B 17 39.82 35.42 18.81
CA GLY B 17 39.82 36.80 19.24
C GLY B 17 39.12 37.74 18.28
N GLU B 18 39.56 37.75 17.02
CA GLU B 18 39.02 38.71 16.05
C GLU B 18 37.64 38.30 15.55
N LEU B 19 37.22 37.08 15.85
CA LEU B 19 35.94 36.57 15.37
C LEU B 19 34.84 36.81 16.40
N ARG B 20 34.91 37.92 17.12
CA ARG B 20 33.89 38.25 18.11
C ARG B 20 33.03 39.43 17.65
N GLY B 21 33.19 39.82 16.39
CA GLY B 21 32.45 40.94 15.86
C GLY B 21 31.84 40.60 14.51
N PRO B 22 31.34 41.60 13.79
CA PRO B 22 30.76 41.34 12.47
C PRO B 22 31.86 40.99 11.47
N PRO B 23 31.50 40.41 10.32
CA PRO B 23 30.16 39.94 9.93
C PRO B 23 29.87 38.61 10.59
N LEU B 24 30.90 38.05 11.21
CA LEU B 24 30.84 36.73 11.78
C LEU B 24 31.26 36.72 13.24
N GLN B 25 30.29 36.93 14.13
CA GLN B 25 30.54 36.85 15.55
C GLN B 25 30.37 35.41 16.01
N LEU B 26 31.48 34.80 16.43
CA LEU B 26 31.48 33.37 16.74
C LEU B 26 31.54 33.05 18.22
N ASP B 27 30.68 32.12 18.63
CA ASP B 27 30.55 31.68 20.02
C ASP B 27 31.74 30.84 20.42
N THR B 28 31.79 30.46 21.70
CA THR B 28 32.73 29.46 22.18
C THR B 28 32.22 28.10 21.74
N GLY B 29 30.89 27.96 21.69
CA GLY B 29 30.28 26.72 21.25
C GLY B 29 30.67 26.42 19.83
N GLN B 30 30.44 27.40 18.95
CA GLN B 30 30.74 27.25 17.53
C GLN B 30 32.23 27.03 17.29
N LEU B 31 33.04 27.82 17.97
CA LEU B 31 34.49 27.71 17.88
C LEU B 31 34.99 26.28 18.16
N LEU B 32 34.53 25.72 19.28
CA LEU B 32 34.87 24.35 19.62
C LEU B 32 34.30 23.36 18.59
N LYS B 33 33.10 23.62 18.12
CA LYS B 33 32.44 22.79 17.10
C LYS B 33 33.28 22.66 15.83
N ILE B 34 33.77 23.79 15.34
CA ILE B 34 34.65 23.78 14.17
C ILE B 34 35.96 23.08 14.47
N ALA B 35 36.57 23.37 15.62
CA ALA B 35 37.89 22.83 15.92
C ALA B 35 37.88 21.31 16.06
N LYS B 36 36.77 20.77 16.56
CA LYS B 36 36.63 19.34 16.77
C LYS B 36 36.73 18.55 15.47
N ARG B 37 36.32 19.19 14.38
CA ARG B 37 36.28 18.50 13.10
C ARG B 37 37.20 19.17 12.06
N GLY B 38 36.89 20.42 11.71
CA GLY B 38 37.71 21.16 10.78
C GLY B 38 39.10 21.53 11.31
N GLY B 39 39.23 21.52 12.63
CA GLY B 39 40.51 21.82 13.24
C GLY B 39 40.83 23.30 13.15
N VAL B 40 42.03 23.66 13.61
CA VAL B 40 42.44 25.06 13.60
C VAL B 40 42.54 25.53 12.15
N THR B 41 42.85 24.61 11.26
CA THR B 41 42.89 24.90 9.82
C THR B 41 41.58 25.54 9.38
N ALA B 42 40.46 24.93 9.78
CA ALA B 42 39.15 25.44 9.39
C ALA B 42 38.86 26.81 10.00
N VAL B 43 39.27 27.01 11.26
CA VAL B 43 39.02 28.29 11.93
C VAL B 43 39.73 29.44 11.25
N GLU B 44 40.99 29.20 10.90
CA GLU B 44 41.78 30.17 10.15
C GLU B 44 41.14 30.45 8.79
N ALA B 45 40.61 29.40 8.17
CA ALA B 45 39.95 29.55 6.89
C ALA B 45 38.71 30.45 7.04
N VAL B 46 37.97 30.24 8.12
CA VAL B 46 36.79 31.05 8.41
C VAL B 46 37.18 32.49 8.65
N HIS B 47 38.32 32.68 9.33
CA HIS B 47 38.84 34.02 9.57
C HIS B 47 39.22 34.71 8.27
N ALA B 48 39.98 34.01 7.43
CA ALA B 48 40.47 34.56 6.17
C ALA B 48 39.32 34.99 5.25
N TRP B 49 38.31 34.13 5.14
CA TRP B 49 37.28 34.30 4.11
C TRP B 49 35.93 34.80 4.57
N ARG B 50 35.84 35.26 5.83
CA ARG B 50 34.52 35.62 6.39
C ARG B 50 33.82 36.78 5.69
N ASN B 51 34.58 37.72 5.15
CA ASN B 51 33.95 38.82 4.43
C ASN B 51 33.42 38.43 3.06
N ALA B 52 34.19 37.63 2.33
CA ALA B 52 33.73 37.11 1.04
C ALA B 52 32.53 36.17 1.20
N LEU B 53 32.57 35.32 2.23
CA LEU B 53 31.48 34.37 2.47
C LEU B 53 30.16 35.05 2.86
N THR B 54 30.24 36.13 3.64
CA THR B 54 29.04 36.87 4.05
C THR B 54 28.59 37.92 3.04
N GLY B 55 29.55 38.55 2.36
CA GLY B 55 29.21 39.57 1.37
C GLY B 55 28.70 39.00 0.06
N ALA B 56 28.12 39.86 -0.77
CA ALA B 56 27.65 39.47 -2.10
C ALA B 56 28.79 38.91 -2.96
N PRO B 57 28.47 38.05 -3.94
CA PRO B 57 27.13 37.56 -4.24
C PRO B 57 26.78 36.33 -3.40
N LEU B 58 27.75 35.85 -2.61
CA LEU B 58 27.60 34.58 -1.90
C LEU B 58 26.53 34.64 -0.81
N ASN B 59 26.69 35.59 0.11
CA ASN B 59 25.66 35.93 1.09
C ASN B 59 25.24 34.81 2.05
N LEU B 60 26.19 34.00 2.47
CA LEU B 60 25.92 32.95 3.44
C LEU B 60 25.78 33.51 4.85
N THR B 61 24.83 32.98 5.61
CA THR B 61 24.67 33.30 7.03
C THR B 61 25.88 32.77 7.81
N PRO B 62 26.12 33.33 9.00
CA PRO B 62 27.11 32.79 9.94
C PRO B 62 26.85 31.30 10.21
N GLU B 63 25.59 30.95 10.30
CA GLU B 63 25.13 29.59 10.52
C GLU B 63 25.59 28.63 9.40
N GLN B 64 25.31 29.02 8.17
CA GLN B 64 25.75 28.24 7.02
C GLN B 64 27.27 28.09 7.00
N VAL B 65 27.98 29.16 7.36
CA VAL B 65 29.44 29.17 7.31
C VAL B 65 30.03 28.21 8.34
N VAL B 66 29.55 28.31 9.58
CA VAL B 66 29.95 27.40 10.64
C VAL B 66 29.68 25.96 10.21
N ALA B 67 28.51 25.75 9.60
CA ALA B 67 28.13 24.44 9.11
C ALA B 67 29.12 23.89 8.09
N ILE B 68 29.55 24.71 7.14
CA ILE B 68 30.47 24.22 6.13
C ILE B 68 31.85 23.97 6.75
N ALA B 69 32.20 24.79 7.73
CA ALA B 69 33.54 24.76 8.30
C ALA B 69 33.80 23.54 9.19
N SER B 70 32.72 23.01 9.78
CA SER B 70 32.87 22.04 10.85
C SER B 70 32.85 20.59 10.37
N HIS B 71 33.77 20.28 9.46
CA HIS B 71 33.95 18.92 8.97
C HIS B 71 35.41 18.76 8.60
N ASP B 72 35.87 17.52 8.49
CA ASP B 72 37.21 17.26 7.98
C ASP B 72 37.32 17.91 6.62
N GLY B 73 38.41 18.62 6.42
CA GLY B 73 38.66 19.34 5.19
C GLY B 73 37.78 20.57 5.05
N GLY B 74 37.20 21.01 6.16
CA GLY B 74 36.35 22.20 6.13
C GLY B 74 36.93 23.38 5.37
N LYS B 75 38.23 23.59 5.52
CA LYS B 75 38.92 24.67 4.82
C LYS B 75 38.76 24.51 3.31
N GLN B 76 39.01 23.29 2.83
CA GLN B 76 38.88 22.99 1.42
C GLN B 76 37.47 23.23 0.94
N ALA B 77 36.49 22.81 1.74
CA ALA B 77 35.09 22.96 1.36
C ALA B 77 34.73 24.45 1.36
N LEU B 78 35.30 25.19 2.30
CA LEU B 78 35.07 26.64 2.35
C LEU B 78 35.59 27.32 1.09
N GLU B 79 36.77 26.92 0.66
CA GLU B 79 37.38 27.49 -0.54
C GLU B 79 36.56 27.14 -1.76
N THR B 80 36.08 25.90 -1.80
CA THR B 80 35.36 25.38 -2.95
C THR B 80 33.97 25.99 -3.12
N VAL B 81 33.26 26.28 -2.03
CA VAL B 81 31.91 26.85 -2.22
C VAL B 81 31.93 28.26 -2.79
N GLN B 82 32.99 29.01 -2.53
CA GLN B 82 33.09 30.36 -3.06
C GLN B 82 33.26 30.33 -4.57
N ARG B 83 33.85 29.25 -5.03
CA ARG B 83 34.13 29.03 -6.44
C ARG B 83 32.92 28.38 -7.11
N LEU B 84 32.35 27.37 -6.47
CA LEU B 84 31.34 26.51 -7.11
C LEU B 84 29.88 26.84 -6.82
N LEU B 85 29.59 27.50 -5.70
CA LEU B 85 28.20 27.90 -5.44
C LEU B 85 27.61 28.73 -6.57
N PRO B 86 28.36 29.74 -7.05
CA PRO B 86 27.88 30.46 -8.23
C PRO B 86 27.66 29.56 -9.46
N VAL B 87 28.58 28.64 -9.74
CA VAL B 87 28.46 27.78 -10.92
C VAL B 87 27.21 26.92 -10.81
N LEU B 88 27.11 26.19 -9.72
CA LEU B 88 26.01 25.29 -9.50
C LEU B 88 24.67 26.02 -9.48
N CYS B 89 24.63 27.23 -8.92
CA CYS B 89 23.38 27.98 -8.88
C CYS B 89 23.08 28.63 -10.21
N GLN B 90 24.07 29.36 -10.75
CA GLN B 90 23.84 30.25 -11.90
C GLN B 90 23.84 29.50 -13.21
N ALA B 91 24.38 28.29 -13.20
CA ALA B 91 24.49 27.52 -14.42
C ALA B 91 23.67 26.21 -14.43
N HIS B 92 23.26 25.74 -13.26
CA HIS B 92 22.51 24.48 -13.15
C HIS B 92 21.27 24.60 -12.26
N GLY B 93 21.03 25.79 -11.71
CA GLY B 93 19.76 26.05 -11.04
C GLY B 93 19.59 25.44 -9.67
N LEU B 94 20.70 25.11 -9.02
CA LEU B 94 20.67 24.66 -7.63
C LEU B 94 20.42 25.87 -6.73
N THR B 95 19.70 25.68 -5.63
CA THR B 95 19.56 26.74 -4.63
C THR B 95 20.84 26.80 -3.81
N PRO B 96 21.15 27.97 -3.21
CA PRO B 96 22.25 28.04 -2.25
C PRO B 96 22.12 26.97 -1.18
N GLN B 97 20.91 26.75 -0.69
CA GLN B 97 20.65 25.74 0.35
C GLN B 97 21.17 24.37 -0.07
N GLN B 98 20.88 23.99 -1.31
CA GLN B 98 21.33 22.71 -1.82
C GLN B 98 22.85 22.66 -1.84
N VAL B 99 23.47 23.73 -2.31
CA VAL B 99 24.92 23.76 -2.39
C VAL B 99 25.55 23.70 -0.99
N VAL B 100 24.96 24.40 -0.02
CA VAL B 100 25.45 24.36 1.36
C VAL B 100 25.32 22.95 1.95
N ALA B 101 24.19 22.28 1.69
CA ALA B 101 24.00 20.90 2.13
C ALA B 101 25.07 19.96 1.56
N ILE B 102 25.38 20.10 0.27
CA ILE B 102 26.44 19.27 -0.32
C ILE B 102 27.79 19.53 0.37
N ALA B 103 28.03 20.80 0.69
CA ALA B 103 29.33 21.25 1.11
C ALA B 103 29.59 20.94 2.59
N SER B 104 28.52 20.64 3.33
CA SER B 104 28.59 20.48 4.77
C SER B 104 28.79 19.04 5.21
N HIS B 105 29.80 18.39 4.64
CA HIS B 105 30.16 17.01 5.00
C HIS B 105 31.67 16.84 4.85
N ASP B 106 32.25 15.86 5.53
CA ASP B 106 33.64 15.50 5.30
C ASP B 106 33.90 15.42 3.81
N GLY B 107 34.95 16.08 3.37
CA GLY B 107 35.33 16.07 1.97
C GLY B 107 34.35 16.78 1.07
N GLY B 108 33.67 17.78 1.61
CA GLY B 108 32.68 18.52 0.85
C GLY B 108 33.22 19.11 -0.44
N LYS B 109 34.51 19.46 -0.44
CA LYS B 109 35.15 19.95 -1.65
C LYS B 109 35.02 18.91 -2.75
N GLN B 110 35.24 17.64 -2.42
CA GLN B 110 35.21 16.57 -3.41
C GLN B 110 33.80 16.37 -3.95
N ALA B 111 32.80 16.49 -3.07
CA ALA B 111 31.42 16.28 -3.51
C ALA B 111 30.94 17.38 -4.47
N LEU B 112 31.28 18.63 -4.14
CA LEU B 112 30.91 19.78 -4.97
C LEU B 112 31.48 19.72 -6.39
N GLU B 113 32.76 19.40 -6.51
CA GLU B 113 33.40 19.28 -7.82
C GLU B 113 32.78 18.15 -8.59
N THR B 114 32.46 17.07 -7.88
CA THR B 114 31.86 15.92 -8.54
C THR B 114 30.44 16.21 -9.00
N VAL B 115 29.72 17.02 -8.24
CA VAL B 115 28.39 17.42 -8.70
C VAL B 115 28.53 18.24 -9.98
N GLN B 116 29.42 19.23 -9.96
CA GLN B 116 29.71 20.03 -11.15
C GLN B 116 30.00 19.16 -12.37
N ARG B 117 30.80 18.12 -12.16
CA ARG B 117 31.23 17.26 -13.24
C ARG B 117 30.18 16.30 -13.71
N LEU B 118 29.45 15.70 -12.76
CA LEU B 118 28.54 14.59 -13.07
C LEU B 118 27.08 14.96 -13.28
N LEU B 119 26.69 16.13 -12.77
CA LEU B 119 25.34 16.65 -12.97
C LEU B 119 24.97 16.71 -14.46
N PRO B 120 25.88 17.20 -15.33
CA PRO B 120 25.53 17.12 -16.75
C PRO B 120 25.44 15.71 -17.36
N VAL B 121 26.01 14.68 -16.75
CA VAL B 121 25.84 13.33 -17.32
C VAL B 121 24.67 12.58 -16.69
N LEU B 122 24.46 12.79 -15.38
CA LEU B 122 23.40 12.12 -14.61
C LEU B 122 22.00 12.68 -14.84
N CYS B 123 21.93 13.96 -15.21
CA CYS B 123 20.64 14.63 -15.35
C CYS B 123 20.26 14.87 -16.82
N GLN B 124 20.77 14.02 -17.70
CA GLN B 124 20.29 14.01 -19.07
C GLN B 124 18.90 13.40 -19.10
N ALA B 125 18.25 13.42 -20.25
CA ALA B 125 16.91 12.85 -20.41
C ALA B 125 16.84 11.40 -19.94
N HIS B 126 15.76 11.05 -19.24
CA HIS B 126 15.55 9.71 -18.70
C HIS B 126 16.52 9.33 -17.57
N GLY B 127 17.13 10.33 -16.95
CA GLY B 127 18.10 10.08 -15.91
C GLY B 127 17.57 10.40 -14.53
N LEU B 128 18.42 10.97 -13.70
CA LEU B 128 18.05 11.36 -12.34
C LEU B 128 17.64 12.83 -12.33
N THR B 129 16.83 13.21 -11.34
CA THR B 129 16.54 14.63 -11.10
C THR B 129 17.70 15.27 -10.32
N PRO B 130 17.85 16.61 -10.47
CA PRO B 130 18.89 17.30 -9.72
C PRO B 130 18.72 17.05 -8.22
N GLU B 131 17.48 16.92 -7.77
CA GLU B 131 17.21 16.67 -6.35
C GLU B 131 17.76 15.31 -5.93
N GLN B 132 17.74 14.36 -6.85
CA GLN B 132 18.32 13.04 -6.56
C GLN B 132 19.84 13.13 -6.47
N VAL B 133 20.43 13.89 -7.39
CA VAL B 133 21.85 14.09 -7.40
C VAL B 133 22.29 14.82 -6.12
N VAL B 134 21.52 15.83 -5.72
CA VAL B 134 21.83 16.56 -4.49
C VAL B 134 21.81 15.63 -3.26
N ALA B 135 20.79 14.79 -3.19
CA ALA B 135 20.65 13.88 -2.06
C ALA B 135 21.79 12.89 -1.99
N ILE B 136 22.23 12.39 -3.14
CA ILE B 136 23.33 11.44 -3.15
C ILE B 136 24.65 12.10 -2.75
N ALA B 137 24.81 13.35 -3.19
CA ALA B 137 26.03 14.09 -2.92
C ALA B 137 26.16 14.57 -1.47
N SER B 138 25.03 14.60 -0.74
CA SER B 138 24.99 15.24 0.59
C SER B 138 25.32 14.32 1.76
N HIS B 139 26.42 13.59 1.62
CA HIS B 139 26.91 12.67 2.63
C HIS B 139 28.42 12.59 2.48
N ASP B 140 29.14 12.24 3.56
CA ASP B 140 30.57 11.98 3.44
C ASP B 140 30.77 10.96 2.34
N GLY B 141 31.81 11.14 1.52
CA GLY B 141 32.07 10.26 0.40
C GLY B 141 31.16 10.49 -0.80
N GLY B 142 30.43 11.60 -0.76
CA GLY B 142 29.49 11.95 -1.81
C GLY B 142 30.06 11.79 -3.21
N LYS B 143 31.32 12.14 -3.39
CA LYS B 143 32.03 11.92 -4.65
C LYS B 143 32.05 10.44 -5.04
N GLN B 144 32.42 9.59 -4.10
CA GLN B 144 32.46 8.14 -4.32
C GLN B 144 31.06 7.63 -4.71
N ALA B 145 30.04 8.09 -4.01
CA ALA B 145 28.67 7.65 -4.26
C ALA B 145 28.20 8.07 -5.68
N LEU B 146 28.36 9.34 -6.03
CA LEU B 146 27.94 9.83 -7.34
C LEU B 146 28.59 9.03 -8.47
N GLU B 147 29.91 8.92 -8.42
CA GLU B 147 30.67 8.13 -9.39
C GLU B 147 30.22 6.66 -9.47
N THR B 148 29.76 6.12 -8.35
CA THR B 148 29.35 4.73 -8.32
C THR B 148 27.96 4.57 -8.91
N VAL B 149 27.07 5.54 -8.63
CA VAL B 149 25.75 5.58 -9.25
C VAL B 149 25.90 5.70 -10.75
N GLN B 150 26.81 6.56 -11.18
CA GLN B 150 27.04 6.72 -12.61
C GLN B 150 27.44 5.39 -13.22
N ALA B 151 28.34 4.69 -12.55
CA ALA B 151 28.83 3.39 -13.04
C ALA B 151 27.80 2.26 -12.97
N LEU B 152 27.04 2.19 -11.87
CA LEU B 152 26.26 0.99 -11.56
C LEU B 152 24.75 1.12 -11.72
N LEU B 153 24.25 2.33 -11.93
CA LEU B 153 22.82 2.51 -12.16
C LEU B 153 22.30 1.59 -13.29
N PRO B 154 22.98 1.56 -14.45
CA PRO B 154 22.46 0.67 -15.50
C PRO B 154 22.46 -0.82 -15.12
N VAL B 155 23.51 -1.31 -14.47
CA VAL B 155 23.54 -2.74 -14.16
C VAL B 155 22.58 -3.09 -13.03
N LEU B 156 22.37 -2.18 -12.10
CA LEU B 156 21.50 -2.48 -10.97
C LEU B 156 20.08 -2.51 -11.47
N CYS B 157 19.75 -1.61 -12.40
CA CYS B 157 18.41 -1.59 -12.97
C CYS B 157 18.14 -2.71 -13.95
N GLN B 158 19.04 -2.91 -14.90
CA GLN B 158 18.78 -3.86 -15.99
C GLN B 158 19.00 -5.30 -15.57
N ALA B 159 20.13 -5.58 -14.93
CA ALA B 159 20.47 -6.95 -14.58
C ALA B 159 19.86 -7.41 -13.26
N HIS B 160 19.53 -6.46 -12.39
CA HIS B 160 19.01 -6.84 -11.08
C HIS B 160 17.56 -6.39 -10.86
N GLY B 161 17.08 -5.52 -11.74
CA GLY B 161 15.67 -5.15 -11.74
C GLY B 161 15.30 -4.18 -10.65
N LEU B 162 16.28 -3.41 -10.18
CA LEU B 162 16.02 -2.36 -9.20
C LEU B 162 15.55 -1.11 -9.92
N THR B 163 14.72 -0.32 -9.27
CA THR B 163 14.35 0.95 -9.87
C THR B 163 15.45 1.97 -9.60
N PRO B 164 15.50 3.04 -10.41
CA PRO B 164 16.41 4.17 -10.14
C PRO B 164 16.23 4.72 -8.73
N GLU B 165 14.99 4.80 -8.25
CA GLU B 165 14.68 5.32 -6.93
C GLU B 165 15.28 4.45 -5.83
N GLN B 166 15.27 3.15 -6.05
CA GLN B 166 15.95 2.23 -5.14
C GLN B 166 17.49 2.41 -5.17
N VAL B 167 18.03 2.61 -6.37
CA VAL B 167 19.46 2.82 -6.49
C VAL B 167 19.84 4.12 -5.77
N VAL B 168 19.04 5.16 -5.94
CA VAL B 168 19.28 6.45 -5.28
C VAL B 168 19.25 6.33 -3.74
N ALA B 169 18.27 5.58 -3.23
CA ALA B 169 18.09 5.43 -1.80
C ALA B 169 19.22 4.67 -1.15
N ILE B 170 19.83 3.74 -1.88
CA ILE B 170 20.98 3.00 -1.37
C ILE B 170 22.22 3.92 -1.35
N ALA B 171 22.35 4.68 -2.43
CA ALA B 171 23.47 5.60 -2.60
C ALA B 171 23.41 6.78 -1.61
N SER B 172 22.23 7.12 -1.11
CA SER B 172 22.08 8.31 -0.25
C SER B 172 22.35 8.04 1.22
N ASN B 173 23.54 7.51 1.49
CA ASN B 173 24.01 7.16 2.83
C ASN B 173 25.50 7.30 2.78
N GLY B 174 26.13 7.57 3.93
CA GLY B 174 27.56 7.45 4.03
C GLY B 174 27.95 6.02 3.70
N GLY B 175 28.99 5.85 2.90
CA GLY B 175 29.38 4.53 2.42
C GLY B 175 28.58 4.06 1.23
N GLY B 176 27.80 4.99 0.65
CA GLY B 176 26.94 4.70 -0.49
C GLY B 176 27.62 3.86 -1.56
N LYS B 177 28.85 4.22 -1.91
CA LYS B 177 29.60 3.43 -2.89
C LYS B 177 29.76 1.99 -2.42
N GLN B 178 30.14 1.80 -1.16
CA GLN B 178 30.28 0.45 -0.62
C GLN B 178 28.92 -0.26 -0.65
N ALA B 179 27.86 0.47 -0.32
CA ALA B 179 26.55 -0.15 -0.26
C ALA B 179 26.13 -0.59 -1.66
N LEU B 180 26.34 0.28 -2.64
CA LEU B 180 25.98 -0.04 -4.02
C LEU B 180 26.75 -1.25 -4.58
N GLU B 181 28.05 -1.33 -4.35
CA GLU B 181 28.84 -2.42 -4.89
C GLU B 181 28.55 -3.73 -4.18
N THR B 182 28.15 -3.64 -2.92
CA THR B 182 27.86 -4.85 -2.17
C THR B 182 26.49 -5.44 -2.55
N VAL B 183 25.53 -4.56 -2.83
CA VAL B 183 24.21 -4.98 -3.30
C VAL B 183 24.36 -5.69 -4.63
N GLN B 184 25.20 -5.10 -5.48
CA GLN B 184 25.49 -5.63 -6.79
C GLN B 184 26.13 -7.01 -6.69
N ARG B 185 26.94 -7.24 -5.66
CA ARG B 185 27.65 -8.50 -5.53
C ARG B 185 26.75 -9.53 -4.87
N LEU B 186 25.99 -9.12 -3.85
CA LEU B 186 25.29 -10.09 -3.00
C LEU B 186 23.80 -10.33 -3.27
N LEU B 187 23.20 -9.54 -4.15
CA LEU B 187 21.80 -9.78 -4.52
C LEU B 187 21.55 -11.22 -4.95
N PRO B 188 22.39 -11.76 -5.87
CA PRO B 188 22.15 -13.15 -6.25
C PRO B 188 22.30 -14.12 -5.09
N VAL B 189 23.35 -13.99 -4.29
CA VAL B 189 23.56 -14.86 -3.13
C VAL B 189 22.46 -14.81 -2.07
N LEU B 190 22.01 -13.60 -1.74
CA LEU B 190 21.05 -13.42 -0.65
C LEU B 190 19.62 -13.82 -1.05
N CYS B 191 19.30 -13.62 -2.32
N CYS B 191 19.30 -13.70 -2.33
CA CYS B 191 17.92 -13.82 -2.80
CA CYS B 191 17.94 -13.95 -2.77
C CYS B 191 17.77 -15.19 -3.44
C CYS B 191 17.63 -15.43 -3.03
N GLN B 192 17.71 -16.20 -2.59
N GLN B 192 18.58 -16.19 -3.56
CA GLN B 192 17.48 -17.59 -2.97
CA GLN B 192 18.35 -17.62 -3.73
C GLN B 192 16.46 -18.14 -2.00
C GLN B 192 18.97 -18.52 -2.65
N ALA B 193 15.94 -19.32 -2.29
N ALA B 193 20.21 -18.25 -2.26
CA ALA B 193 15.08 -20.00 -1.33
CA ALA B 193 20.91 -19.13 -1.32
C ALA B 193 15.82 -20.09 0.00
C ALA B 193 20.53 -18.95 0.15
N HIS B 194 15.10 -19.83 1.09
N HIS B 194 20.35 -17.70 0.57
CA HIS B 194 15.65 -19.77 2.46
CA HIS B 194 20.17 -17.40 1.99
C HIS B 194 16.41 -18.47 2.78
C HIS B 194 18.73 -17.26 2.49
N GLY B 195 16.59 -17.61 1.78
N GLY B 195 17.86 -16.60 1.72
CA GLY B 195 17.32 -16.38 1.95
CA GLY B 195 16.46 -16.53 2.08
C GLY B 195 16.43 -15.16 2.16
C GLY B 195 15.87 -15.14 2.21
N LEU B 196 16.78 -14.04 1.53
N LEU B 196 16.53 -14.15 1.61
CA LEU B 196 15.98 -12.83 1.65
CA LEU B 196 16.02 -12.79 1.62
C LEU B 196 15.31 -12.46 0.33
C LEU B 196 15.34 -12.42 0.31
N THR B 197 14.32 -11.57 0.40
CA THR B 197 13.70 -11.01 -0.81
C THR B 197 14.51 -9.80 -1.28
N PRO B 198 14.45 -9.47 -2.57
CA PRO B 198 15.11 -8.26 -3.07
C PRO B 198 14.70 -7.00 -2.31
N GLN B 199 13.47 -6.96 -1.79
CA GLN B 199 13.00 -5.79 -1.06
C GLN B 199 13.72 -5.65 0.27
N GLN B 200 13.97 -6.79 0.90
CA GLN B 200 14.69 -6.81 2.19
C GLN B 200 16.16 -6.44 2.01
N VAL B 201 16.74 -6.85 0.89
CA VAL B 201 18.14 -6.53 0.63
C VAL B 201 18.30 -5.04 0.34
N VAL B 202 17.37 -4.47 -0.41
CA VAL B 202 17.40 -3.03 -0.62
C VAL B 202 17.24 -2.27 0.71
N ALA B 203 16.30 -2.69 1.54
CA ALA B 203 16.08 -2.05 2.84
C ALA B 203 17.34 -2.02 3.70
N ILE B 204 18.03 -3.16 3.78
CA ILE B 204 19.28 -3.24 4.53
C ILE B 204 20.32 -2.27 3.97
N ALA B 205 20.50 -2.30 2.65
CA ALA B 205 21.45 -1.43 1.99
C ALA B 205 21.09 0.05 2.04
N SER B 206 19.83 0.35 2.33
CA SER B 206 19.33 1.73 2.24
C SER B 206 19.33 2.46 3.57
N ASN B 207 19.58 1.73 4.65
CA ASN B 207 19.30 2.24 6.00
C ASN B 207 20.52 2.68 6.83
N GLY B 208 21.71 2.70 6.22
CA GLY B 208 22.90 3.18 6.92
C GLY B 208 23.91 2.10 7.29
N GLY B 209 23.40 0.87 7.49
CA GLY B 209 24.23 -0.29 7.77
C GLY B 209 25.04 -0.75 6.56
N GLY B 210 24.59 -0.34 5.38
CA GLY B 210 25.33 -0.51 4.14
C GLY B 210 26.03 -1.84 3.94
N LYS B 211 27.18 -1.78 3.30
CA LYS B 211 28.01 -2.95 3.04
C LYS B 211 28.17 -3.85 4.26
N GLN B 212 28.48 -3.27 5.42
CA GLN B 212 28.75 -4.06 6.63
C GLN B 212 27.54 -4.88 7.07
N ALA B 213 26.36 -4.28 6.98
CA ALA B 213 25.13 -4.98 7.34
C ALA B 213 24.79 -6.13 6.35
N LEU B 214 24.89 -5.86 5.05
CA LEU B 214 24.64 -6.89 4.05
C LEU B 214 25.62 -8.04 4.22
N GLU B 215 26.90 -7.73 4.43
CA GLU B 215 27.89 -8.78 4.58
C GLU B 215 27.68 -9.60 5.84
N THR B 216 27.26 -8.94 6.90
CA THR B 216 27.00 -9.63 8.15
C THR B 216 25.72 -10.49 8.07
N VAL B 217 24.74 -10.05 7.29
CA VAL B 217 23.55 -10.87 7.06
C VAL B 217 23.88 -12.11 6.25
N GLN B 218 24.64 -11.96 5.16
CA GLN B 218 25.13 -13.11 4.38
C GLN B 218 25.74 -14.16 5.30
N ARG B 219 26.52 -13.67 6.25
CA ARG B 219 27.33 -14.53 7.08
C ARG B 219 26.51 -15.12 8.24
N LEU B 220 25.69 -14.28 8.86
CA LEU B 220 25.00 -14.68 10.09
C LEU B 220 23.54 -15.11 9.92
N LEU B 221 22.96 -14.88 8.74
CA LEU B 221 21.55 -15.28 8.53
C LEU B 221 21.28 -16.75 8.86
N PRO B 222 22.12 -17.67 8.35
CA PRO B 222 21.76 -19.07 8.66
C PRO B 222 21.81 -19.43 10.16
N VAL B 223 22.86 -19.06 10.88
CA VAL B 223 22.94 -19.45 12.30
C VAL B 223 21.92 -18.70 13.18
N LEU B 224 21.63 -17.45 12.84
CA LEU B 224 20.65 -16.67 13.59
C LEU B 224 19.22 -17.20 13.40
N CYS B 225 18.92 -17.61 12.17
CA CYS B 225 17.58 -18.10 11.89
C CYS B 225 17.41 -19.52 12.42
N GLN B 226 18.47 -20.29 12.37
CA GLN B 226 18.38 -21.69 12.75
C GLN B 226 18.67 -21.86 14.23
N ALA B 227 19.94 -21.93 14.56
CA ALA B 227 20.38 -22.15 15.93
C ALA B 227 19.81 -21.13 16.93
N HIS B 228 19.61 -19.89 16.47
CA HIS B 228 19.14 -18.85 17.38
C HIS B 228 17.66 -18.57 17.20
N GLY B 229 17.07 -19.21 16.20
CA GLY B 229 15.62 -19.22 16.03
C GLY B 229 14.94 -17.89 15.75
N LEU B 230 15.67 -16.95 15.17
CA LEU B 230 15.03 -15.71 14.76
C LEU B 230 14.36 -15.91 13.41
N THR B 231 13.32 -15.11 13.13
CA THR B 231 12.76 -15.12 11.79
C THR B 231 13.68 -14.31 10.87
N PRO B 232 13.61 -14.56 9.54
CA PRO B 232 14.38 -13.70 8.64
C PRO B 232 13.96 -12.24 8.83
N GLN B 233 12.66 -12.02 9.03
CA GLN B 233 12.13 -10.69 9.25
C GLN B 233 12.82 -10.00 10.43
N GLN B 234 13.08 -10.75 11.50
CA GLN B 234 13.73 -10.19 12.67
C GLN B 234 15.18 -9.84 12.38
N VAL B 235 15.84 -10.68 11.60
CA VAL B 235 17.24 -10.45 11.27
C VAL B 235 17.34 -9.22 10.36
N VAL B 236 16.37 -9.07 9.46
CA VAL B 236 16.36 -7.91 8.59
C VAL B 236 16.07 -6.63 9.35
N ALA B 237 15.13 -6.70 10.29
CA ALA B 237 14.81 -5.55 11.11
C ALA B 237 16.06 -5.07 11.90
N ILE B 238 16.85 -6.02 12.41
CA ILE B 238 18.11 -5.68 13.08
C ILE B 238 19.15 -5.13 12.10
N ALA B 239 19.20 -5.69 10.90
CA ALA B 239 20.20 -5.26 9.94
C ALA B 239 19.88 -3.88 9.38
N SER B 240 18.60 -3.50 9.49
CA SER B 240 18.12 -2.30 8.82
C SER B 240 18.32 -1.00 9.60
N ASN B 241 19.47 -0.88 10.26
CA ASN B 241 19.94 0.34 10.88
C ASN B 241 21.42 0.49 10.59
N GLY B 242 21.93 1.71 10.68
CA GLY B 242 23.37 1.92 10.72
C GLY B 242 23.93 1.14 11.90
N GLY B 243 25.16 0.67 11.76
CA GLY B 243 25.72 -0.26 12.71
C GLY B 243 24.97 -1.59 12.81
N GLY B 244 24.24 -1.93 11.73
CA GLY B 244 23.52 -3.19 11.67
C GLY B 244 24.45 -4.35 12.00
N LYS B 245 25.64 -4.33 11.41
CA LYS B 245 26.66 -5.34 11.68
C LYS B 245 26.93 -5.48 13.19
N GLN B 246 27.14 -4.36 13.86
CA GLN B 246 27.37 -4.38 15.30
C GLN B 246 26.21 -5.01 16.10
N ALA B 247 24.97 -4.68 15.74
CA ALA B 247 23.83 -5.21 16.48
C ALA B 247 23.67 -6.71 16.20
N LEU B 248 23.81 -7.10 14.93
CA LEU B 248 23.69 -8.51 14.53
C LEU B 248 24.66 -9.38 15.31
N GLU B 249 25.92 -8.96 15.37
CA GLU B 249 26.92 -9.75 16.06
C GLU B 249 26.68 -9.78 17.56
N THR B 250 26.24 -8.65 18.11
CA THR B 250 25.95 -8.58 19.54
C THR B 250 24.77 -9.48 19.87
N VAL B 251 23.80 -9.56 18.96
CA VAL B 251 22.65 -10.42 19.18
C VAL B 251 23.10 -11.87 19.19
N GLN B 252 23.98 -12.22 18.27
CA GLN B 252 24.54 -13.57 18.26
C GLN B 252 25.25 -13.90 19.56
N ARG B 253 26.07 -12.98 20.07
CA ARG B 253 26.79 -13.24 21.33
C ARG B 253 25.83 -13.29 22.53
N LEU B 254 24.86 -12.38 22.57
CA LEU B 254 24.08 -12.16 23.80
C LEU B 254 22.75 -12.90 23.92
N LEU B 255 22.23 -13.46 22.83
CA LEU B 255 21.02 -14.28 22.91
C LEU B 255 21.16 -15.47 23.88
N PRO B 256 22.24 -16.26 23.74
CA PRO B 256 22.43 -17.32 24.74
C PRO B 256 22.46 -16.80 26.18
N VAL B 257 23.01 -15.61 26.39
CA VAL B 257 23.07 -15.04 27.73
C VAL B 257 21.73 -14.52 28.24
N LEU B 258 21.16 -13.56 27.51
CA LEU B 258 19.98 -12.82 27.96
C LEU B 258 18.67 -13.60 27.93
N CYS B 259 18.62 -14.68 27.17
CA CYS B 259 17.37 -15.42 27.01
C CYS B 259 17.30 -16.73 27.81
N GLN B 260 17.79 -16.71 29.04
CA GLN B 260 17.68 -17.91 29.87
C GLN B 260 16.42 -17.88 30.74
N ALA B 261 16.30 -18.84 31.65
CA ALA B 261 15.07 -19.03 32.42
C ALA B 261 14.53 -17.71 33.00
N HIS B 262 13.32 -17.36 32.57
CA HIS B 262 12.63 -16.13 32.99
C HIS B 262 13.28 -14.78 32.59
N GLY B 263 14.52 -14.79 32.07
CA GLY B 263 15.12 -13.59 31.50
C GLY B 263 14.34 -13.02 30.31
N LEU B 264 15.03 -12.33 29.42
CA LEU B 264 14.36 -11.74 28.27
C LEU B 264 13.98 -12.79 27.23
N THR B 265 12.90 -12.54 26.49
CA THR B 265 12.58 -13.35 25.32
C THR B 265 13.36 -12.85 24.11
N PRO B 266 13.62 -13.73 23.14
CA PRO B 266 14.24 -13.32 21.88
C PRO B 266 13.57 -12.09 21.27
N GLN B 267 12.24 -12.01 21.36
N GLN B 267 12.23 -12.01 21.37
CA GLN B 267 11.49 -10.87 20.83
CA GLN B 267 11.48 -10.88 20.85
C GLN B 267 11.91 -9.55 21.49
C GLN B 267 11.91 -9.56 21.50
N GLN B 268 12.15 -9.60 22.81
CA GLN B 268 12.60 -8.42 23.54
C GLN B 268 14.02 -8.01 23.12
N VAL B 269 14.89 -9.01 23.02
CA VAL B 269 16.26 -8.82 22.57
C VAL B 269 16.27 -8.18 21.19
N VAL B 270 15.44 -8.70 20.28
CA VAL B 270 15.29 -8.16 18.94
C VAL B 270 14.78 -6.72 18.97
N ALA B 271 13.85 -6.42 19.87
CA ALA B 271 13.37 -5.05 20.01
C ALA B 271 14.50 -4.10 20.40
N ILE B 272 15.32 -4.54 21.34
CA ILE B 272 16.46 -3.75 21.81
C ILE B 272 17.52 -3.57 20.70
N ALA B 273 17.79 -4.63 19.95
CA ALA B 273 18.81 -4.57 18.90
C ALA B 273 18.37 -3.84 17.64
N SER B 274 17.07 -3.61 17.48
CA SER B 274 16.51 -3.06 16.24
C SER B 274 16.45 -1.53 16.22
N ASN B 275 17.45 -0.89 16.81
CA ASN B 275 17.54 0.55 16.74
C ASN B 275 18.97 0.87 16.43
N GLN B 276 19.25 2.13 16.07
CA GLN B 276 20.63 2.56 15.87
C GLN B 276 21.34 2.50 17.21
N GLY B 277 22.53 1.92 17.23
CA GLY B 277 23.22 1.70 18.49
C GLY B 277 22.68 0.52 19.27
N GLY B 278 22.07 -0.42 18.55
CA GLY B 278 21.49 -1.61 19.16
C GLY B 278 22.50 -2.35 20.03
N LYS B 279 23.70 -2.51 19.50
CA LYS B 279 24.77 -3.14 20.26
C LYS B 279 24.99 -2.46 21.61
N GLN B 280 25.04 -1.13 21.61
CA GLN B 280 25.28 -0.37 22.85
C GLN B 280 24.13 -0.60 23.83
N ALA B 281 22.91 -0.56 23.30
CA ALA B 281 21.71 -0.81 24.09
C ALA B 281 21.73 -2.20 24.74
N LEU B 282 21.99 -3.24 23.95
CA LEU B 282 22.03 -4.61 24.48
C LEU B 282 23.10 -4.80 25.56
N GLU B 283 24.30 -4.27 25.32
CA GLU B 283 25.38 -4.43 26.28
C GLU B 283 25.06 -3.69 27.56
N THR B 284 24.34 -2.58 27.45
CA THR B 284 23.95 -1.81 28.62
C THR B 284 22.82 -2.49 29.41
N VAL B 285 21.92 -3.18 28.70
CA VAL B 285 20.89 -3.94 29.38
C VAL B 285 21.54 -5.06 30.17
N GLN B 286 22.48 -5.75 29.54
CA GLN B 286 23.21 -6.80 30.23
C GLN B 286 23.89 -6.27 31.49
N ARG B 287 24.38 -5.04 31.41
CA ARG B 287 25.15 -4.44 32.49
C ARG B 287 24.31 -3.79 33.59
N LEU B 288 23.19 -3.17 33.22
CA LEU B 288 22.46 -2.33 34.18
C LEU B 288 21.09 -2.86 34.62
N LEU B 289 20.56 -3.87 33.94
CA LEU B 289 19.25 -4.40 34.32
C LEU B 289 19.19 -4.82 35.80
N PRO B 290 20.15 -5.65 36.25
CA PRO B 290 20.08 -6.00 37.68
C PRO B 290 20.12 -4.77 38.59
N VAL B 291 21.00 -3.79 38.32
CA VAL B 291 21.17 -2.65 39.24
C VAL B 291 20.07 -1.58 39.15
N LEU B 292 19.36 -1.52 38.03
CA LEU B 292 18.25 -0.59 37.91
C LEU B 292 17.04 -1.14 38.67
N CYS B 293 16.91 -2.46 38.70
CA CYS B 293 15.80 -3.08 39.38
C CYS B 293 16.05 -3.05 40.89
N GLN B 294 17.26 -3.41 41.31
CA GLN B 294 17.59 -3.40 42.73
C GLN B 294 17.63 -1.99 43.30
N ALA B 295 18.48 -1.16 42.73
CA ALA B 295 18.73 0.16 43.28
C ALA B 295 17.55 1.10 43.20
N HIS B 296 16.87 1.13 42.05
CA HIS B 296 15.77 2.09 41.83
C HIS B 296 14.36 1.50 41.81
N GLY B 297 14.24 0.20 42.02
CA GLY B 297 12.92 -0.41 42.08
C GLY B 297 12.24 -0.57 40.74
N LEU B 298 13.00 -0.42 39.66
CA LEU B 298 12.45 -0.67 38.33
C LEU B 298 12.22 -2.16 38.13
N THR B 299 11.42 -2.49 37.13
CA THR B 299 11.21 -3.88 36.74
C THR B 299 11.95 -4.12 35.43
N PRO B 300 12.16 -5.41 35.06
CA PRO B 300 12.82 -5.72 33.79
C PRO B 300 12.09 -5.19 32.54
N GLN B 301 10.76 -5.23 32.54
CA GLN B 301 9.97 -4.63 31.46
C GLN B 301 10.30 -3.16 31.24
N GLN B 302 10.40 -2.40 32.33
CA GLN B 302 10.71 -0.99 32.24
C GLN B 302 12.10 -0.77 31.65
N VAL B 303 13.07 -1.57 32.10
CA VAL B 303 14.41 -1.53 31.57
C VAL B 303 14.37 -1.84 30.08
N VAL B 304 13.59 -2.84 29.68
CA VAL B 304 13.45 -3.19 28.26
C VAL B 304 12.80 -2.07 27.45
N ALA B 305 11.81 -1.40 28.04
CA ALA B 305 11.09 -0.35 27.33
C ALA B 305 12.01 0.84 27.08
N ILE B 306 12.83 1.14 28.08
CA ILE B 306 13.78 2.25 27.96
C ILE B 306 14.84 1.92 26.90
N ALA B 307 15.37 0.71 26.98
CA ALA B 307 16.42 0.26 26.10
C ALA B 307 15.97 0.16 24.65
N SER B 308 14.65 0.11 24.44
CA SER B 308 14.06 -0.20 23.13
C SER B 308 13.87 0.97 22.18
N ASN B 309 14.68 2.02 22.32
CA ASN B 309 14.67 3.12 21.38
C ASN B 309 16.10 3.38 20.97
N GLY B 310 16.31 4.26 20.00
CA GLY B 310 17.63 4.71 19.64
C GLY B 310 18.23 5.45 20.82
N GLY B 311 19.55 5.32 20.99
CA GLY B 311 20.23 5.88 22.14
C GLY B 311 19.78 5.28 23.45
N GLY B 312 19.24 4.05 23.39
CA GLY B 312 18.91 3.29 24.58
C GLY B 312 19.98 3.32 25.67
N LYS B 313 21.25 3.16 25.28
CA LYS B 313 22.33 3.20 26.25
C LYS B 313 22.32 4.53 26.99
N GLN B 314 22.23 5.63 26.23
CA GLN B 314 22.22 6.96 26.80
C GLN B 314 21.08 7.15 27.79
N ALA B 315 19.90 6.62 27.44
CA ALA B 315 18.73 6.71 28.31
C ALA B 315 18.87 5.88 29.59
N LEU B 316 19.32 4.63 29.45
CA LEU B 316 19.57 3.76 30.60
C LEU B 316 20.58 4.40 31.59
N GLU B 317 21.70 4.86 31.05
CA GLU B 317 22.72 5.46 31.92
C GLU B 317 22.18 6.71 32.61
N THR B 318 21.30 7.44 31.93
CA THR B 318 20.79 8.68 32.48
C THR B 318 19.71 8.38 33.51
N VAL B 319 18.92 7.34 33.29
CA VAL B 319 17.94 6.94 34.31
C VAL B 319 18.69 6.52 35.58
N GLN B 320 19.79 5.79 35.38
CA GLN B 320 20.59 5.31 36.50
C GLN B 320 21.04 6.48 37.36
N ARG B 321 21.50 7.52 36.69
CA ARG B 321 22.07 8.64 37.41
C ARG B 321 21.04 9.68 37.86
N LEU B 322 19.95 9.85 37.10
CA LEU B 322 19.05 10.96 37.38
C LEU B 322 17.76 10.58 38.08
N LEU B 323 17.39 9.30 38.05
CA LEU B 323 16.15 8.88 38.69
C LEU B 323 16.02 9.38 40.12
N PRO B 324 17.08 9.17 40.96
CA PRO B 324 16.99 9.64 42.35
C PRO B 324 16.74 11.13 42.48
N VAL B 325 17.56 11.93 41.79
CA VAL B 325 17.41 13.39 41.81
C VAL B 325 16.02 13.86 41.39
N LEU B 326 15.42 13.17 40.43
CA LEU B 326 14.12 13.57 39.91
C LEU B 326 13.00 13.18 40.86
N CYS B 327 13.20 12.06 41.56
CA CYS B 327 12.20 11.61 42.51
C CYS B 327 12.30 12.40 43.80
N GLN B 328 13.53 12.58 44.27
CA GLN B 328 13.77 13.29 45.53
C GLN B 328 13.62 14.79 45.37
N ALA B 329 14.47 15.37 44.53
CA ALA B 329 14.52 16.83 44.40
C ALA B 329 13.35 17.44 43.63
N HIS B 330 12.79 16.73 42.66
CA HIS B 330 11.74 17.30 41.82
C HIS B 330 10.35 16.65 42.02
N GLY B 331 10.30 15.56 42.78
CA GLY B 331 9.04 14.96 43.18
C GLY B 331 8.33 14.09 42.16
N LEU B 332 9.08 13.53 41.23
CA LEU B 332 8.49 12.65 40.22
C LEU B 332 8.50 11.21 40.69
N THR B 333 7.57 10.41 40.18
CA THR B 333 7.56 8.99 40.44
C THR B 333 8.45 8.29 39.44
N PRO B 334 9.02 7.14 39.83
CA PRO B 334 9.83 6.30 38.94
C PRO B 334 9.13 6.05 37.60
N GLN B 335 7.84 5.72 37.65
CA GLN B 335 7.04 5.48 36.44
C GLN B 335 7.12 6.67 35.48
N GLN B 336 7.03 7.88 36.02
CA GLN B 336 7.16 9.08 35.23
C GLN B 336 8.55 9.24 34.63
N VAL B 337 9.57 8.90 35.41
CA VAL B 337 10.93 8.99 34.91
C VAL B 337 11.16 7.98 33.77
N VAL B 338 10.60 6.78 33.94
CA VAL B 338 10.62 5.77 32.89
C VAL B 338 9.86 6.27 31.66
N ALA B 339 8.69 6.87 31.88
CA ALA B 339 7.90 7.41 30.77
C ALA B 339 8.68 8.42 29.93
N ILE B 340 9.39 9.32 30.59
CA ILE B 340 10.18 10.33 29.89
C ILE B 340 11.33 9.67 29.10
N ALA B 341 11.98 8.69 29.73
CA ALA B 341 13.16 8.04 29.20
C ALA B 341 12.87 7.14 27.99
N SER B 342 11.61 6.78 27.80
CA SER B 342 11.22 5.72 26.88
C SER B 342 10.85 6.19 25.46
N HIS B 343 11.70 7.06 24.92
CA HIS B 343 11.54 7.61 23.56
C HIS B 343 12.96 7.91 23.08
N ASP B 344 13.17 8.05 21.78
CA ASP B 344 14.47 8.48 21.27
C ASP B 344 14.86 9.81 21.94
N GLY B 345 16.13 9.96 22.26
CA GLY B 345 16.60 11.16 22.92
C GLY B 345 16.10 11.27 24.36
N GLY B 346 15.69 10.14 24.92
CA GLY B 346 15.25 10.09 26.31
C GLY B 346 16.24 10.77 27.25
N LYS B 347 17.53 10.63 26.97
CA LYS B 347 18.55 11.27 27.77
C LYS B 347 18.37 12.78 27.75
N GLN B 348 18.24 13.36 26.55
CA GLN B 348 18.03 14.79 26.39
C GLN B 348 16.78 15.22 27.13
N ALA B 349 15.75 14.41 27.02
CA ALA B 349 14.49 14.72 27.67
C ALA B 349 14.67 14.71 29.19
N LEU B 350 15.30 13.66 29.73
CA LEU B 350 15.56 13.61 31.17
C LEU B 350 16.36 14.84 31.67
N GLU B 351 17.42 15.17 30.94
CA GLU B 351 18.26 16.28 31.34
C GLU B 351 17.51 17.61 31.24
N THR B 352 16.56 17.69 30.32
CA THR B 352 15.79 18.91 30.18
C THR B 352 14.73 19.04 31.25
N VAL B 353 14.15 17.91 31.67
CA VAL B 353 13.17 17.96 32.76
C VAL B 353 13.87 18.48 34.02
N GLN B 354 15.04 17.91 34.32
CA GLN B 354 15.82 18.28 35.49
C GLN B 354 16.14 19.78 35.53
N ARG B 355 16.59 20.29 34.39
CA ARG B 355 16.90 21.71 34.23
C ARG B 355 15.66 22.63 34.26
N LEU B 356 14.61 22.25 33.52
CA LEU B 356 13.50 23.16 33.22
C LEU B 356 12.23 23.00 34.05
N LEU B 357 12.11 21.90 34.79
CA LEU B 357 10.92 21.70 35.62
C LEU B 357 10.63 22.82 36.66
N PRO B 358 11.66 23.29 37.40
CA PRO B 358 11.40 24.42 38.31
C PRO B 358 10.91 25.66 37.58
N VAL B 359 11.67 26.05 36.56
CA VAL B 359 11.33 27.19 35.72
C VAL B 359 9.90 27.16 35.15
N LEU B 360 9.47 26.03 34.61
CA LEU B 360 8.15 25.91 34.00
C LEU B 360 7.00 25.78 35.02
N CYS B 361 7.29 25.18 36.16
CA CYS B 361 6.26 25.02 37.17
C CYS B 361 6.11 26.29 38.01
N GLN B 362 7.23 26.88 38.38
CA GLN B 362 7.27 28.07 39.24
C GLN B 362 6.87 29.34 38.50
N ALA B 363 7.29 29.48 37.25
CA ALA B 363 7.18 30.76 36.56
C ALA B 363 6.27 30.73 35.34
N HIS B 364 5.65 29.58 35.05
CA HIS B 364 4.64 29.52 34.00
C HIS B 364 3.36 28.84 34.50
N GLY B 365 3.36 28.43 35.76
CA GLY B 365 2.19 27.84 36.39
C GLY B 365 1.82 26.44 35.92
N LEU B 366 2.76 25.78 35.25
CA LEU B 366 2.52 24.41 34.81
C LEU B 366 2.65 23.42 35.97
N THR B 367 1.92 22.31 35.86
CA THR B 367 2.03 21.22 36.83
C THR B 367 3.09 20.23 36.35
N PRO B 368 3.76 19.55 37.30
CA PRO B 368 4.79 18.57 36.91
C PRO B 368 4.26 17.46 36.01
N GLU B 369 2.98 17.14 36.14
CA GLU B 369 2.36 16.14 35.27
C GLU B 369 2.32 16.69 33.84
N GLN B 370 2.12 18.00 33.72
CA GLN B 370 2.08 18.62 32.41
C GLN B 370 3.46 18.60 31.80
N VAL B 371 4.45 18.95 32.60
CA VAL B 371 5.82 18.94 32.14
C VAL B 371 6.25 17.52 31.77
N VAL B 372 5.79 16.52 32.51
CA VAL B 372 6.12 15.15 32.17
C VAL B 372 5.46 14.69 30.86
N ALA B 373 4.21 15.11 30.65
CA ALA B 373 3.50 14.75 29.41
C ALA B 373 4.21 15.31 28.18
N ILE B 374 4.71 16.54 28.29
CA ILE B 374 5.47 17.17 27.22
C ILE B 374 6.77 16.42 26.91
N ALA B 375 7.50 16.08 27.96
CA ALA B 375 8.80 15.42 27.80
C ALA B 375 8.68 13.96 27.36
N SER B 376 7.49 13.37 27.53
CA SER B 376 7.29 11.96 27.25
C SER B 376 6.97 11.63 25.77
N ASN B 377 7.73 12.23 24.87
CA ASN B 377 7.62 11.94 23.45
C ASN B 377 9.03 12.04 22.88
N GLY B 378 9.23 11.57 21.65
CA GLY B 378 10.47 11.81 20.94
C GLY B 378 10.63 13.32 20.78
N GLY B 379 11.86 13.78 20.95
CA GLY B 379 12.15 15.20 20.84
C GLY B 379 11.60 16.03 21.99
N GLY B 380 11.24 15.37 23.08
CA GLY B 380 10.76 16.07 24.26
C GLY B 380 11.61 17.28 24.70
N LYS B 381 12.93 17.19 24.60
CA LYS B 381 13.79 18.32 24.89
C LYS B 381 13.38 19.53 24.05
N GLN B 382 13.23 19.32 22.75
CA GLN B 382 12.79 20.36 21.83
C GLN B 382 11.41 20.87 22.22
N ALA B 383 10.52 19.95 22.55
CA ALA B 383 9.18 20.35 22.91
C ALA B 383 9.24 21.21 24.19
N LEU B 384 9.93 20.74 25.22
CA LEU B 384 10.04 21.50 26.48
C LEU B 384 10.65 22.88 26.28
N GLU B 385 11.69 22.95 25.45
CA GLU B 385 12.38 24.21 25.25
C GLU B 385 11.52 25.21 24.48
N THR B 386 10.75 24.69 23.54
CA THR B 386 9.89 25.55 22.74
C THR B 386 8.70 26.03 23.56
N VAL B 387 8.26 25.22 24.50
CA VAL B 387 7.15 25.62 25.38
C VAL B 387 7.59 26.77 26.24
N GLN B 388 8.75 26.60 26.86
CA GLN B 388 9.34 27.65 27.67
C GLN B 388 9.41 28.95 26.90
N ARG B 389 9.90 28.85 25.67
CA ARG B 389 10.11 30.02 24.83
C ARG B 389 8.80 30.68 24.39
N LEU B 390 7.79 29.87 24.08
CA LEU B 390 6.60 30.38 23.38
C LEU B 390 5.32 30.43 24.19
N LEU B 391 5.31 29.79 25.35
CA LEU B 391 4.13 29.78 26.21
C LEU B 391 3.52 31.18 26.41
N PRO B 392 4.32 32.18 26.84
CA PRO B 392 3.70 33.50 27.01
C PRO B 392 3.18 34.12 25.71
N VAL B 393 3.97 34.09 24.64
CA VAL B 393 3.51 34.75 23.41
C VAL B 393 2.28 34.06 22.83
N LEU B 394 2.16 32.76 23.06
CA LEU B 394 0.98 32.04 22.63
C LEU B 394 -0.19 32.43 23.50
N CYS B 395 0.06 32.61 24.79
CA CYS B 395 -1.01 32.87 25.73
C CYS B 395 -1.43 34.31 25.72
N GLN B 396 -0.46 35.22 25.61
CA GLN B 396 -0.78 36.64 25.72
C GLN B 396 -1.17 37.28 24.40
N ALA B 397 -0.60 36.79 23.30
CA ALA B 397 -0.81 37.45 22.02
C ALA B 397 -1.76 36.68 21.10
N HIS B 398 -1.99 35.42 21.40
CA HIS B 398 -2.89 34.60 20.60
C HIS B 398 -4.06 34.06 21.42
N GLY B 399 -4.07 34.38 22.71
CA GLY B 399 -5.20 34.01 23.56
C GLY B 399 -5.36 32.54 23.92
N LEU B 400 -4.33 31.73 23.70
CA LEU B 400 -4.43 30.33 24.07
C LEU B 400 -4.31 30.16 25.56
N THR B 401 -4.85 29.06 26.08
CA THR B 401 -4.69 28.72 27.47
C THR B 401 -3.43 27.85 27.54
N PRO B 402 -2.89 27.70 28.75
CA PRO B 402 -1.73 26.82 28.92
C PRO B 402 -2.05 25.36 28.59
N GLU B 403 -3.25 24.90 28.98
CA GLU B 403 -3.69 23.54 28.69
C GLU B 403 -3.61 23.25 27.20
N GLN B 404 -4.03 24.25 26.42
CA GLN B 404 -3.95 24.17 24.98
C GLN B 404 -2.50 24.11 24.52
N VAL B 405 -1.64 24.92 25.12
CA VAL B 405 -0.25 24.92 24.71
C VAL B 405 0.41 23.59 25.07
N VAL B 406 0.14 23.11 26.28
CA VAL B 406 0.62 21.80 26.69
C VAL B 406 0.13 20.71 25.72
N ALA B 407 -1.12 20.82 25.28
CA ALA B 407 -1.71 19.82 24.40
C ALA B 407 -0.99 19.78 23.07
N ILE B 408 -0.73 20.95 22.50
CA ILE B 408 -0.02 21.03 21.22
C ILE B 408 1.38 20.42 21.33
N ALA B 409 2.01 20.59 22.49
CA ALA B 409 3.43 20.24 22.63
C ALA B 409 3.63 18.77 22.94
N SER B 410 2.53 18.10 23.31
CA SER B 410 2.60 16.78 23.92
C SER B 410 2.55 15.62 22.94
N HIS B 411 3.18 15.80 21.79
CA HIS B 411 3.30 14.75 20.79
C HIS B 411 4.69 14.90 20.17
N ASP B 412 5.21 13.84 19.55
CA ASP B 412 6.35 13.97 18.64
C ASP B 412 6.21 15.19 17.74
N GLY B 413 7.27 15.98 17.68
CA GLY B 413 7.26 17.17 16.85
C GLY B 413 6.58 18.34 17.51
N GLY B 414 6.32 18.22 18.81
CA GLY B 414 5.71 19.30 19.57
C GLY B 414 6.28 20.66 19.20
N LYS B 415 7.60 20.76 19.13
CA LYS B 415 8.25 22.02 18.77
C LYS B 415 7.76 22.55 17.40
N GLN B 416 7.73 21.69 16.39
CA GLN B 416 7.25 22.08 15.07
C GLN B 416 5.79 22.52 15.11
N ALA B 417 4.98 21.80 15.88
CA ALA B 417 3.57 22.12 16.03
C ALA B 417 3.38 23.52 16.63
N LEU B 418 4.04 23.78 17.76
CA LEU B 418 3.99 25.09 18.44
C LEU B 418 4.41 26.24 17.53
N GLU B 419 5.51 26.06 16.84
CA GLU B 419 6.04 27.12 15.99
C GLU B 419 5.09 27.38 14.85
N THR B 420 4.44 26.31 14.40
CA THR B 420 3.53 26.38 13.28
C THR B 420 2.19 27.00 13.70
N VAL B 421 1.73 26.65 14.90
CA VAL B 421 0.56 27.29 15.48
C VAL B 421 0.77 28.79 15.54
N GLN B 422 1.97 29.21 15.93
CA GLN B 422 2.30 30.63 16.06
C GLN B 422 2.28 31.38 14.72
N ARG B 423 2.83 30.74 13.69
CA ARG B 423 2.85 31.33 12.36
C ARG B 423 1.45 31.42 11.75
N LEU B 424 0.66 30.36 11.90
CA LEU B 424 -0.55 30.20 11.09
C LEU B 424 -1.88 30.44 11.80
N LEU B 425 -1.86 30.53 13.12
CA LEU B 425 -3.09 30.81 13.87
C LEU B 425 -3.89 32.01 13.32
N PRO B 426 -3.23 33.17 13.12
CA PRO B 426 -3.99 34.34 12.65
C PRO B 426 -4.68 34.14 11.29
N VAL B 427 -3.95 33.68 10.30
CA VAL B 427 -4.54 33.48 8.97
C VAL B 427 -5.65 32.41 9.00
N LEU B 428 -5.48 31.36 9.80
CA LEU B 428 -6.51 30.33 9.90
C LEU B 428 -7.79 30.88 10.55
N CYS B 429 -7.63 31.68 11.59
CA CYS B 429 -8.78 32.27 12.26
C CYS B 429 -9.34 33.49 11.53
N GLN B 430 -8.48 34.46 11.28
CA GLN B 430 -8.91 35.76 10.73
C GLN B 430 -9.34 35.72 9.27
N ALA B 431 -8.73 34.84 8.48
CA ALA B 431 -9.03 34.80 7.05
C ALA B 431 -9.85 33.60 6.61
N HIS B 432 -9.92 32.57 7.44
CA HIS B 432 -10.67 31.38 7.05
C HIS B 432 -11.69 30.95 8.10
N GLY B 433 -11.79 31.72 9.17
CA GLY B 433 -12.89 31.55 10.11
C GLY B 433 -12.80 30.37 11.06
N LEU B 434 -11.65 29.70 11.11
CA LEU B 434 -11.45 28.67 12.12
C LEU B 434 -11.44 29.29 13.50
N THR B 435 -11.68 28.48 14.51
CA THR B 435 -11.46 28.93 15.89
C THR B 435 -10.07 28.51 16.37
N PRO B 436 -9.53 29.21 17.38
CA PRO B 436 -8.32 28.73 18.05
C PRO B 436 -8.49 27.29 18.53
N GLN B 437 -9.70 26.95 18.96
CA GLN B 437 -10.02 25.59 19.39
C GLN B 437 -9.81 24.57 18.28
N GLN B 438 -10.20 24.94 17.07
CA GLN B 438 -10.10 24.04 15.93
C GLN B 438 -8.64 23.87 15.52
N VAL B 439 -7.90 24.97 15.60
CA VAL B 439 -6.49 24.97 15.21
C VAL B 439 -5.68 24.08 16.16
N VAL B 440 -5.93 24.24 17.45
CA VAL B 440 -5.33 23.39 18.48
C VAL B 440 -5.62 21.91 18.26
N ALA B 441 -6.87 21.59 17.97
CA ALA B 441 -7.26 20.20 17.73
C ALA B 441 -6.49 19.61 16.55
N ILE B 442 -6.30 20.41 15.51
CA ILE B 442 -5.49 19.99 14.36
C ILE B 442 -4.03 19.81 14.78
N ALA B 443 -3.54 20.77 15.54
CA ALA B 443 -2.12 20.82 15.92
C ALA B 443 -1.74 19.75 16.95
N SER B 444 -2.69 19.33 17.78
CA SER B 444 -2.39 18.41 18.87
C SER B 444 -2.35 16.96 18.43
N ASN B 445 -1.49 16.66 17.46
CA ASN B 445 -1.21 15.29 17.03
C ASN B 445 0.21 15.28 16.48
N GLY B 446 0.84 14.10 16.44
CA GLY B 446 2.02 13.93 15.61
C GLY B 446 1.71 14.41 14.19
N GLY B 447 2.64 15.14 13.60
CA GLY B 447 2.39 15.72 12.30
C GLY B 447 1.51 16.94 12.39
N GLY B 448 1.46 17.55 13.57
CA GLY B 448 0.72 18.79 13.77
C GLY B 448 1.07 19.86 12.74
N ARG B 449 2.37 20.05 12.52
CA ARG B 449 2.82 21.07 11.59
C ARG B 449 2.34 20.82 10.16
N PRO B 450 2.67 19.66 9.58
CA PRO B 450 2.20 19.50 8.19
C PRO B 450 0.67 19.46 8.09
N ALA B 451 0.00 18.94 9.11
CA ALA B 451 -1.46 18.97 9.10
C ALA B 451 -1.95 20.41 8.98
N LEU B 452 -1.34 21.33 9.74
CA LEU B 452 -1.70 22.74 9.64
C LEU B 452 -1.32 23.37 8.32
N GLU B 453 -0.18 22.94 7.76
CA GLU B 453 0.30 23.53 6.53
C GLU B 453 -0.55 23.07 5.36
N SER B 454 -0.97 21.81 5.39
CA SER B 454 -1.85 21.29 4.37
C SER B 454 -3.20 22.00 4.39
N ILE B 455 -3.77 22.20 5.58
CA ILE B 455 -5.10 22.77 5.66
C ILE B 455 -5.11 24.26 5.29
N VAL B 456 -4.00 24.93 5.50
CA VAL B 456 -3.94 26.34 5.15
C VAL B 456 -3.62 26.45 3.66
N ALA B 457 -3.05 25.38 3.10
CA ALA B 457 -2.80 25.31 1.66
C ALA B 457 -4.09 25.22 0.89
N GLN B 458 -5.02 24.42 1.41
CA GLN B 458 -6.28 24.13 0.71
C GLN B 458 -7.30 25.23 0.91
N LEU B 459 -7.27 25.87 2.07
CA LEU B 459 -8.17 26.98 2.35
C LEU B 459 -7.78 28.22 1.56
N SER B 460 -6.52 28.29 1.13
CA SER B 460 -6.00 29.46 0.41
C SER B 460 -6.01 29.30 -1.11
N ARG B 461 -5.71 28.09 -1.58
CA ARG B 461 -5.76 27.76 -2.99
C ARG B 461 -6.34 26.35 -3.18
N PRO B 462 -7.68 26.25 -3.25
CA PRO B 462 -8.46 25.00 -3.19
C PRO B 462 -8.45 24.11 -4.44
N ASP B 463 -9.13 22.96 -4.32
CA ASP B 463 -9.44 22.02 -5.42
C ASP B 463 -10.21 20.80 -4.91
N ALA B 468 -15.17 19.82 -3.59
CA ALA B 468 -14.94 20.47 -2.30
C ALA B 468 -15.85 19.90 -1.19
N LEU B 469 -15.21 19.36 -0.16
CA LEU B 469 -15.88 19.00 1.09
C LEU B 469 -15.96 20.24 1.95
N THR B 470 -16.81 20.22 2.98
CA THR B 470 -16.98 21.37 3.86
C THR B 470 -15.69 21.64 4.66
N ASN B 471 -15.50 22.88 5.08
CA ASN B 471 -14.35 23.22 5.90
C ASN B 471 -14.28 22.40 7.20
N ASP B 472 -15.42 22.29 7.89
CA ASP B 472 -15.46 21.49 9.12
C ASP B 472 -15.08 20.03 8.86
N HIS B 473 -15.35 19.56 7.63
CA HIS B 473 -14.96 18.22 7.24
C HIS B 473 -13.44 18.15 7.02
N LEU B 474 -12.91 19.18 6.37
CA LEU B 474 -11.47 19.24 6.12
C LEU B 474 -10.73 19.25 7.46
N VAL B 475 -11.23 20.01 8.41
CA VAL B 475 -10.66 20.09 9.76
C VAL B 475 -10.70 18.74 10.46
N ALA B 476 -11.82 18.05 10.34
CA ALA B 476 -11.99 16.76 10.98
C ALA B 476 -11.12 15.73 10.26
N LEU B 477 -10.88 15.94 8.98
CA LEU B 477 -9.93 15.13 8.23
C LEU B 477 -8.48 15.41 8.66
N ALA B 478 -8.12 16.68 8.75
CA ALA B 478 -6.79 17.05 9.23
C ALA B 478 -6.58 16.53 10.65
N CYS B 479 -7.63 16.55 11.48
CA CYS B 479 -7.52 16.06 12.84
C CYS B 479 -7.32 14.54 12.92
N LEU B 480 -8.00 13.81 12.05
CA LEU B 480 -7.99 12.35 12.14
C LEU B 480 -6.75 11.72 11.51
N GLY B 481 -6.25 12.30 10.42
CA GLY B 481 -5.11 11.73 9.73
C GLY B 481 -4.09 12.73 9.18
N GLY B 482 -4.20 13.99 9.60
CA GLY B 482 -3.26 15.02 9.20
C GLY B 482 -3.13 15.27 7.70
N ARG B 483 -1.94 15.70 7.30
CA ARG B 483 -1.63 15.89 5.88
C ARG B 483 -1.92 14.67 4.99
N PRO B 484 -1.52 13.44 5.40
CA PRO B 484 -1.80 12.30 4.53
C PRO B 484 -3.30 12.06 4.28
N ALA B 485 -4.14 12.43 5.23
CA ALA B 485 -5.58 12.36 5.04
C ALA B 485 -6.04 13.34 3.96
N LEU B 486 -5.67 14.61 4.10
CA LEU B 486 -6.00 15.58 3.07
C LEU B 486 -5.50 15.14 1.68
N ASP B 487 -4.41 14.39 1.67
CA ASP B 487 -3.80 14.01 0.39
C ASP B 487 -4.52 12.82 -0.22
N ALA B 488 -4.96 11.88 0.60
CA ALA B 488 -5.75 10.76 0.10
C ALA B 488 -7.09 11.23 -0.45
N VAL B 489 -7.74 12.16 0.24
CA VAL B 489 -9.03 12.68 -0.20
C VAL B 489 -8.90 13.48 -1.49
N LYS B 490 -7.82 14.25 -1.61
CA LYS B 490 -7.56 15.03 -2.82
C LYS B 490 -7.24 14.12 -4.01
N LYS B 491 -7.05 12.84 -3.72
CA LYS B 491 -6.82 11.83 -4.75
C LYS B 491 -8.11 11.09 -5.08
N LEU B 492 -9.02 11.02 -4.10
CA LEU B 492 -10.22 10.19 -4.20
C LEU B 492 -11.36 10.90 -4.94
#